data_2G1D
#
_entry.id   2G1D
#
_entity_poly.entity_id   1
_entity_poly.type   'polypeptide(L)'
_entity_poly.pdbx_seq_one_letter_code
;MDLIIKEKRDNPILKRKEIKYVLKFDSSRTPSREEIKELIAKHEGVDKELVIVDNNKQLTGKHEIEGYTKIYADKPSAML
YEPDYELIRNGLKQKEAK
;
_entity_poly.pdbx_strand_id   A
#
# COMPACT_ATOMS: atom_id res chain seq x y z
N MET A 1 -3.17 15.72 5.75
CA MET A 1 -2.60 15.13 4.55
C MET A 1 -3.71 14.82 3.53
N ASP A 2 -3.40 14.87 2.22
CA ASP A 2 -4.42 14.60 1.21
C ASP A 2 -3.84 13.69 0.15
N LEU A 3 -4.26 12.45 0.12
CA LEU A 3 -3.69 11.54 -0.84
C LEU A 3 -4.59 11.26 -2.04
N ILE A 4 -4.15 11.72 -3.21
CA ILE A 4 -4.87 11.42 -4.43
C ILE A 4 -4.09 10.34 -5.15
N ILE A 5 -4.69 9.18 -5.24
CA ILE A 5 -4.05 8.02 -5.80
C ILE A 5 -4.56 7.59 -7.19
N LYS A 6 -3.62 7.14 -8.03
CA LYS A 6 -3.91 6.61 -9.37
C LYS A 6 -3.40 5.16 -9.42
N GLU A 7 -3.96 4.36 -8.52
CA GLU A 7 -3.60 2.94 -8.32
C GLU A 7 -3.60 2.07 -9.57
N LYS A 8 -2.70 1.09 -9.57
CA LYS A 8 -2.59 0.12 -10.63
C LYS A 8 -2.10 -1.17 -9.98
N ARG A 9 -2.92 -2.22 -9.94
CA ARG A 9 -2.50 -3.44 -9.24
C ARG A 9 -2.35 -4.66 -10.12
N ASP A 10 -1.30 -5.42 -9.85
CA ASP A 10 -1.03 -6.66 -10.53
C ASP A 10 -0.85 -7.76 -9.49
N ASN A 11 -1.74 -8.73 -9.49
CA ASN A 11 -1.61 -9.77 -8.51
C ASN A 11 -1.33 -11.13 -9.13
N PRO A 12 -0.13 -11.67 -8.89
CA PRO A 12 0.28 -12.96 -9.35
C PRO A 12 0.24 -13.92 -8.15
N ILE A 13 1.38 -14.51 -7.80
CA ILE A 13 1.43 -15.38 -6.65
C ILE A 13 1.34 -14.56 -5.35
N LEU A 14 1.99 -13.39 -5.36
CA LEU A 14 2.04 -12.55 -4.16
C LEU A 14 1.15 -11.31 -4.19
N LYS A 15 0.21 -11.22 -5.13
CA LYS A 15 -0.73 -10.10 -5.14
C LYS A 15 -0.05 -8.73 -4.96
N ARG A 16 0.94 -8.40 -5.81
CA ARG A 16 1.66 -7.13 -5.67
C ARG A 16 1.06 -6.05 -6.55
N LYS A 17 0.92 -4.84 -6.00
CA LYS A 17 0.34 -3.76 -6.79
C LYS A 17 1.25 -2.52 -6.86
N GLU A 18 1.01 -1.68 -7.88
CA GLU A 18 1.76 -0.43 -8.12
C GLU A 18 0.78 0.72 -8.33
N ILE A 19 0.89 1.75 -7.51
CA ILE A 19 -0.03 2.89 -7.56
C ILE A 19 0.67 4.23 -7.55
N LYS A 20 0.00 5.20 -8.13
CA LYS A 20 0.49 6.57 -8.19
C LYS A 20 -0.11 7.36 -7.05
N TYR A 21 0.73 8.02 -6.28
CA TYR A 21 0.21 8.73 -5.11
C TYR A 21 0.81 10.11 -4.82
N VAL A 22 -0.06 11.04 -4.41
CA VAL A 22 0.36 12.39 -3.98
C VAL A 22 -0.35 12.70 -2.67
N LEU A 23 0.41 13.02 -1.64
CA LEU A 23 -0.14 13.35 -0.36
C LEU A 23 0.06 14.83 -0.18
N LYS A 24 -1.00 15.54 0.15
CA LYS A 24 -0.90 16.95 0.34
C LYS A 24 -0.86 17.19 1.81
N PHE A 25 0.21 17.79 2.26
CA PHE A 25 0.38 18.01 3.67
C PHE A 25 0.38 19.49 4.02
N ASP A 26 -0.37 19.80 5.05
CA ASP A 26 -0.49 21.17 5.52
C ASP A 26 0.66 21.54 6.45
N SER A 27 1.46 22.51 6.02
CA SER A 27 2.61 22.97 6.82
C SER A 27 2.16 23.42 8.20
N SER A 28 2.47 22.62 9.21
CA SER A 28 2.12 22.93 10.59
C SER A 28 2.57 21.82 11.54
N ARG A 29 2.07 20.61 11.28
CA ARG A 29 2.43 19.45 12.10
C ARG A 29 3.06 18.36 11.24
N THR A 30 3.91 17.55 11.84
CA THR A 30 4.58 16.48 11.13
C THR A 30 3.56 15.46 10.62
N PRO A 31 3.75 14.94 9.39
CA PRO A 31 2.85 13.96 8.79
C PRO A 31 2.58 12.79 9.72
N SER A 32 1.33 12.31 9.72
CA SER A 32 0.96 11.18 10.57
C SER A 32 1.31 9.86 9.92
N ARG A 33 1.53 8.83 10.73
CA ARG A 33 1.85 7.50 10.22
C ARG A 33 0.64 6.84 9.56
N GLU A 34 -0.49 6.87 10.27
CA GLU A 34 -1.73 6.26 9.78
C GLU A 34 -2.35 7.09 8.66
N GLU A 35 -2.32 8.42 8.81
CA GLU A 35 -2.92 9.29 7.80
C GLU A 35 -2.31 9.07 6.43
N ILE A 36 -0.98 9.10 6.34
CA ILE A 36 -0.32 8.88 5.05
C ILE A 36 -0.34 7.41 4.66
N LYS A 37 0.15 6.57 5.55
CA LYS A 37 0.23 5.11 5.31
C LYS A 37 -1.12 4.46 5.12
N GLU A 38 -2.11 4.82 5.91
CA GLU A 38 -3.38 4.21 5.72
C GLU A 38 -4.08 4.78 4.49
N LEU A 39 -4.21 6.09 4.41
CA LEU A 39 -4.86 6.70 3.26
C LEU A 39 -4.12 6.36 1.96
N ILE A 40 -2.81 6.16 2.07
CA ILE A 40 -1.99 5.80 0.91
C ILE A 40 -2.35 4.40 0.40
N ALA A 41 -2.29 3.39 1.26
CA ALA A 41 -2.64 2.00 0.89
C ALA A 41 -4.11 1.82 0.65
N LYS A 42 -4.88 2.29 1.61
CA LYS A 42 -6.31 2.14 1.57
C LYS A 42 -6.81 2.72 0.27
N HIS A 43 -6.41 3.96 -0.01
CA HIS A 43 -6.74 4.56 -1.30
C HIS A 43 -6.14 3.71 -2.38
N GLU A 44 -4.89 3.35 -2.13
CA GLU A 44 -4.10 2.54 -3.03
C GLU A 44 -4.88 1.40 -3.63
N GLY A 45 -5.95 1.05 -2.97
CA GLY A 45 -6.72 -0.06 -3.44
C GLY A 45 -6.43 -1.23 -2.55
N VAL A 46 -5.97 -0.92 -1.34
CA VAL A 46 -5.55 -1.96 -0.40
C VAL A 46 -5.66 -1.54 1.07
N ASP A 47 -5.53 -2.50 1.97
CA ASP A 47 -5.60 -2.23 3.41
C ASP A 47 -4.28 -1.69 3.96
N LYS A 48 -4.27 -1.43 5.28
CA LYS A 48 -3.08 -0.90 5.97
C LYS A 48 -1.95 -1.93 6.04
N GLU A 49 -2.29 -3.20 6.03
CA GLU A 49 -1.27 -4.25 6.08
C GLU A 49 -0.47 -4.24 4.78
N LEU A 50 -1.17 -4.03 3.69
CA LEU A 50 -0.62 -4.01 2.36
C LEU A 50 0.13 -2.73 2.03
N VAL A 51 0.44 -1.86 2.99
CA VAL A 51 1.14 -0.63 2.62
C VAL A 51 2.67 -0.70 2.73
N ILE A 52 3.30 -0.61 1.57
CA ILE A 52 4.76 -0.54 1.46
C ILE A 52 5.11 0.59 0.49
N VAL A 53 5.59 1.74 0.95
CA VAL A 53 5.89 2.81 -0.01
C VAL A 53 7.31 3.37 0.12
N ASP A 54 8.10 3.13 -0.92
CA ASP A 54 9.47 3.63 -0.99
C ASP A 54 9.61 4.61 -2.14
N ASN A 55 10.51 5.57 -1.98
CA ASN A 55 10.75 6.56 -3.02
C ASN A 55 9.50 7.38 -3.29
N ASN A 56 9.68 8.64 -3.64
CA ASN A 56 8.57 9.54 -3.92
C ASN A 56 8.98 10.65 -4.88
N LYS A 57 8.46 10.59 -6.12
CA LYS A 57 8.77 11.61 -7.12
C LYS A 57 7.95 12.87 -6.85
N GLN A 58 8.62 13.97 -6.48
CA GLN A 58 7.92 15.21 -6.17
C GLN A 58 7.78 16.13 -7.39
N LEU A 59 6.58 16.20 -7.94
CA LEU A 59 6.31 17.07 -9.09
C LEU A 59 5.22 18.09 -8.78
N THR A 60 5.58 19.37 -8.72
CA THR A 60 4.62 20.44 -8.45
C THR A 60 5.33 21.71 -7.99
N GLY A 61 6.13 21.60 -6.93
CA GLY A 61 6.83 22.76 -6.42
C GLY A 61 6.00 23.54 -5.42
N LYS A 62 5.02 22.86 -4.81
CA LYS A 62 4.15 23.51 -3.82
C LYS A 62 4.48 23.01 -2.42
N HIS A 63 3.95 21.85 -2.04
CA HIS A 63 4.19 21.29 -0.72
C HIS A 63 3.59 19.89 -0.57
N GLU A 64 3.35 19.20 -1.68
CA GLU A 64 2.79 17.87 -1.65
C GLU A 64 3.74 16.93 -2.35
N ILE A 65 3.69 15.67 -2.00
CA ILE A 65 4.63 14.71 -2.55
C ILE A 65 3.94 13.64 -3.39
N GLU A 66 4.54 13.38 -4.55
CA GLU A 66 4.03 12.38 -5.47
C GLU A 66 5.06 11.27 -5.63
N GLY A 67 4.63 10.15 -6.17
CA GLY A 67 5.53 9.04 -6.35
C GLY A 67 4.80 7.76 -6.62
N TYR A 68 5.47 6.65 -6.37
CA TYR A 68 4.85 5.35 -6.57
C TYR A 68 4.91 4.57 -5.28
N THR A 69 3.81 3.96 -4.94
CA THR A 69 3.71 3.17 -3.73
C THR A 69 3.55 1.70 -4.07
N LYS A 70 4.11 0.88 -3.22
CA LYS A 70 4.03 -0.56 -3.39
C LYS A 70 3.12 -1.14 -2.32
N ILE A 71 2.33 -2.15 -2.66
CA ILE A 71 1.44 -2.72 -1.64
C ILE A 71 1.45 -4.24 -1.60
N TYR A 72 1.41 -4.77 -0.37
CA TYR A 72 1.37 -6.21 -0.16
C TYR A 72 0.06 -6.66 0.52
N ALA A 73 -0.68 -7.51 -0.20
CA ALA A 73 -1.94 -8.04 0.27
C ALA A 73 -1.77 -9.32 1.07
N ASP A 74 -0.55 -9.86 1.07
CA ASP A 74 -0.26 -11.10 1.79
C ASP A 74 0.07 -10.82 3.26
N LYS A 75 0.28 -9.54 3.60
CA LYS A 75 0.60 -9.15 4.96
C LYS A 75 -0.48 -9.58 5.95
N PRO A 76 -1.77 -9.32 5.65
CA PRO A 76 -2.88 -9.69 6.53
C PRO A 76 -3.12 -11.19 6.57
N SER A 77 -3.13 -11.81 5.41
CA SER A 77 -3.35 -13.26 5.31
C SER A 77 -2.29 -14.02 6.13
N ALA A 78 -1.06 -13.52 6.07
CA ALA A 78 0.05 -14.15 6.79
C ALA A 78 -0.08 -13.90 8.29
N MET A 79 -0.59 -12.73 8.66
CA MET A 79 -0.76 -12.37 10.06
C MET A 79 -1.88 -13.17 10.71
N LEU A 80 -2.92 -13.46 9.94
CA LEU A 80 -4.06 -14.21 10.44
C LEU A 80 -3.71 -15.68 10.67
N TYR A 81 -2.93 -16.25 9.75
CA TYR A 81 -2.53 -17.65 9.85
C TYR A 81 -1.13 -17.78 10.44
N GLU A 82 -0.43 -16.66 10.60
CA GLU A 82 0.92 -16.66 11.16
C GLU A 82 1.88 -17.42 10.24
N PRO A 83 3.02 -16.80 9.86
CA PRO A 83 4.00 -17.43 8.99
C PRO A 83 4.77 -18.54 9.69
N ASP A 84 4.82 -18.48 11.01
CA ASP A 84 5.54 -19.48 11.81
C ASP A 84 4.61 -20.62 12.22
N TYR A 85 3.43 -20.68 11.61
CA TYR A 85 2.47 -21.74 11.92
C TYR A 85 2.45 -22.80 10.83
N GLU A 86 2.35 -24.06 11.23
CA GLU A 86 2.33 -25.16 10.29
C GLU A 86 1.13 -25.05 9.36
N LEU A 87 1.37 -24.57 8.14
CA LEU A 87 0.31 -24.41 7.16
C LEU A 87 0.06 -25.71 6.41
N ILE A 88 1.14 -26.44 6.14
CA ILE A 88 1.04 -27.71 5.42
C ILE A 88 2.40 -28.41 5.34
N ARG A 89 3.42 -27.64 5.02
CA ARG A 89 4.78 -28.17 4.90
C ARG A 89 4.84 -29.25 3.83
N ASN A 90 4.95 -28.83 2.58
CA ASN A 90 5.02 -29.75 1.45
C ASN A 90 5.22 -29.01 0.13
N GLY A 91 4.52 -27.90 -0.01
CA GLY A 91 4.63 -27.11 -1.23
C GLY A 91 3.56 -27.43 -2.24
N LEU A 92 3.52 -26.68 -3.33
CA LEU A 92 2.53 -26.90 -4.38
C LEU A 92 3.13 -27.65 -5.57
N LYS A 93 2.27 -28.12 -6.46
CA LYS A 93 2.72 -28.85 -7.64
C LYS A 93 1.65 -28.86 -8.72
N GLN A 94 1.26 -27.68 -9.17
CA GLN A 94 0.24 -27.55 -10.20
C GLN A 94 0.88 -27.41 -11.58
N LYS A 95 1.72 -28.38 -11.93
CA LYS A 95 2.40 -28.39 -13.23
C LYS A 95 3.56 -27.37 -13.25
N GLU A 96 3.79 -26.71 -12.12
CA GLU A 96 4.86 -25.72 -12.03
C GLU A 96 4.79 -24.98 -10.70
N ALA A 97 5.94 -24.83 -10.05
CA ALA A 97 6.02 -24.13 -8.77
C ALA A 97 5.80 -22.64 -8.94
N LYS A 98 6.20 -22.12 -10.10
CA LYS A 98 6.05 -20.69 -10.39
C LYS A 98 5.59 -20.49 -11.84
N MET A 1 -2.89 15.07 5.97
CA MET A 1 -2.32 14.53 4.74
C MET A 1 -3.47 14.21 3.75
N ASP A 2 -3.20 14.23 2.43
CA ASP A 2 -4.27 13.92 1.47
C ASP A 2 -3.76 12.98 0.42
N LEU A 3 -4.60 12.12 -0.09
CA LEU A 3 -4.11 11.17 -1.07
C LEU A 3 -4.72 11.30 -2.46
N ILE A 4 -3.90 11.64 -3.45
CA ILE A 4 -4.40 11.64 -4.83
C ILE A 4 -3.78 10.45 -5.51
N ILE A 5 -4.60 9.46 -5.79
CA ILE A 5 -4.13 8.22 -6.38
C ILE A 5 -4.55 7.87 -7.81
N LYS A 6 -3.61 7.24 -8.51
CA LYS A 6 -3.85 6.70 -9.84
C LYS A 6 -3.43 5.22 -9.77
N GLU A 7 -4.08 4.54 -8.82
CA GLU A 7 -3.82 3.13 -8.45
C GLU A 7 -4.04 2.10 -9.56
N LYS A 8 -3.07 1.15 -9.67
CA LYS A 8 -3.15 0.07 -10.62
C LYS A 8 -2.71 -1.19 -9.88
N ARG A 9 -3.40 -2.31 -10.04
CA ARG A 9 -3.02 -3.51 -9.29
C ARG A 9 -2.86 -4.75 -10.15
N ASP A 10 -1.79 -5.49 -9.87
CA ASP A 10 -1.52 -6.75 -10.56
C ASP A 10 -1.32 -7.85 -9.54
N ASN A 11 -2.19 -8.83 -9.53
CA ASN A 11 -2.03 -9.89 -8.58
C ASN A 11 -1.64 -11.20 -9.24
N PRO A 12 -0.41 -11.66 -9.00
CA PRO A 12 0.11 -12.90 -9.52
C PRO A 12 0.15 -13.93 -8.39
N ILE A 13 1.35 -14.37 -8.02
CA ILE A 13 1.48 -15.31 -6.93
C ILE A 13 1.22 -14.61 -5.58
N LEU A 14 1.76 -13.39 -5.46
CA LEU A 14 1.67 -12.63 -4.22
C LEU A 14 0.73 -11.42 -4.25
N LYS A 15 -0.20 -11.34 -5.22
CA LYS A 15 -1.15 -10.23 -5.24
C LYS A 15 -0.49 -8.84 -5.05
N ARG A 16 0.50 -8.50 -5.88
CA ARG A 16 1.20 -7.22 -5.73
C ARG A 16 0.60 -6.14 -6.62
N LYS A 17 0.42 -4.94 -6.08
CA LYS A 17 -0.16 -3.88 -6.89
C LYS A 17 0.81 -2.71 -7.08
N GLU A 18 0.57 -1.92 -8.17
CA GLU A 18 1.42 -0.77 -8.54
C GLU A 18 0.51 0.43 -8.78
N ILE A 19 0.56 1.38 -7.87
CA ILE A 19 -0.29 2.54 -7.94
C ILE A 19 0.49 3.83 -7.75
N LYS A 20 0.04 4.87 -8.39
CA LYS A 20 0.70 6.16 -8.27
C LYS A 20 -0.02 6.99 -7.20
N TYR A 21 0.74 7.64 -6.33
CA TYR A 21 0.12 8.40 -5.25
C TYR A 21 0.79 9.75 -4.94
N VAL A 22 -0.03 10.68 -4.46
CA VAL A 22 0.45 11.99 -3.99
C VAL A 22 -0.20 12.24 -2.63
N LEU A 23 0.59 12.63 -1.66
CA LEU A 23 0.10 12.90 -0.35
C LEU A 23 0.16 14.38 -0.15
N LYS A 24 -0.94 14.98 0.23
CA LYS A 24 -0.93 16.40 0.44
C LYS A 24 -0.78 16.65 1.91
N PHE A 25 0.28 17.33 2.25
CA PHE A 25 0.57 17.58 3.64
C PHE A 25 0.46 19.04 3.98
N ASP A 26 -0.21 19.29 5.10
CA ASP A 26 -0.41 20.66 5.58
C ASP A 26 0.78 21.12 6.43
N SER A 27 1.25 22.33 6.14
CA SER A 27 2.39 22.90 6.87
C SER A 27 2.09 22.97 8.37
N SER A 28 3.15 23.21 9.15
CA SER A 28 3.02 23.31 10.60
C SER A 28 2.35 22.06 11.18
N ARG A 29 2.45 20.95 10.45
CA ARG A 29 1.85 19.70 10.89
C ARG A 29 2.89 18.59 10.99
N THR A 30 2.62 17.60 11.82
CA THR A 30 3.53 16.48 12.02
C THR A 30 3.01 15.23 11.28
N PRO A 31 3.83 14.63 10.41
CA PRO A 31 3.44 13.43 9.66
C PRO A 31 2.99 12.30 10.58
N SER A 32 1.97 11.56 10.15
CA SER A 32 1.45 10.46 10.94
C SER A 32 1.78 9.12 10.30
N ARG A 33 1.88 8.07 11.12
CA ARG A 33 2.15 6.73 10.60
C ARG A 33 0.94 6.15 9.88
N GLU A 34 -0.21 6.25 10.54
CA GLU A 34 -1.48 5.74 9.99
C GLU A 34 -2.00 6.65 8.88
N GLU A 35 -2.04 7.95 9.15
CA GLU A 35 -2.55 8.91 8.19
C GLU A 35 -1.78 8.85 6.87
N ILE A 36 -0.46 8.90 6.93
CA ILE A 36 0.34 8.87 5.71
C ILE A 36 0.25 7.51 5.02
N LYS A 37 0.52 6.45 5.76
CA LYS A 37 0.50 5.08 5.24
C LYS A 37 -0.89 4.57 4.93
N GLU A 38 -1.77 4.62 5.87
CA GLU A 38 -3.09 4.12 5.59
C GLU A 38 -3.75 4.95 4.48
N LEU A 39 -3.80 6.26 4.64
CA LEU A 39 -4.41 7.09 3.61
C LEU A 39 -3.79 6.80 2.24
N ILE A 40 -2.50 6.46 2.21
CA ILE A 40 -1.86 6.14 0.94
C ILE A 40 -2.25 4.74 0.44
N ALA A 41 -2.10 3.70 1.26
CA ALA A 41 -2.47 2.34 0.84
C ALA A 41 -3.94 2.21 0.56
N LYS A 42 -4.72 2.68 1.50
CA LYS A 42 -6.16 2.58 1.41
C LYS A 42 -6.63 3.18 0.10
N HIS A 43 -6.19 4.40 -0.19
CA HIS A 43 -6.49 5.03 -1.47
C HIS A 43 -5.85 4.20 -2.56
N GLU A 44 -4.61 3.83 -2.28
CA GLU A 44 -3.79 3.02 -3.18
C GLU A 44 -4.59 1.87 -3.74
N GLY A 45 -5.70 1.56 -3.10
CA GLY A 45 -6.52 0.47 -3.55
C GLY A 45 -6.26 -0.72 -2.68
N VAL A 46 -5.83 -0.43 -1.45
CA VAL A 46 -5.44 -1.49 -0.52
C VAL A 46 -5.60 -1.12 0.95
N ASP A 47 -5.48 -2.11 1.82
CA ASP A 47 -5.61 -1.90 3.27
C ASP A 47 -4.32 -1.36 3.89
N LYS A 48 -4.36 -1.16 5.22
CA LYS A 48 -3.22 -0.66 6.00
C LYS A 48 -2.07 -1.65 6.04
N GLU A 49 -2.37 -2.93 5.93
CA GLU A 49 -1.35 -3.96 5.98
C GLU A 49 -0.53 -3.96 4.67
N LEU A 50 -1.24 -3.79 3.58
CA LEU A 50 -0.68 -3.78 2.24
C LEU A 50 0.03 -2.48 1.89
N VAL A 51 0.45 -1.66 2.87
CA VAL A 51 1.11 -0.41 2.50
C VAL A 51 2.64 -0.45 2.56
N ILE A 52 3.26 -0.32 1.39
CA ILE A 52 4.71 -0.19 1.28
C ILE A 52 5.05 0.94 0.32
N VAL A 53 5.49 2.10 0.81
CA VAL A 53 5.83 3.19 -0.11
C VAL A 53 7.17 3.84 0.25
N ASP A 54 8.14 3.70 -0.64
CA ASP A 54 9.48 4.26 -0.44
C ASP A 54 9.82 5.34 -1.47
N ASN A 55 10.75 6.23 -1.11
CA ASN A 55 11.21 7.30 -1.99
C ASN A 55 10.17 8.40 -2.20
N ASN A 56 9.38 8.29 -3.27
CA ASN A 56 8.35 9.29 -3.60
C ASN A 56 8.93 10.40 -4.49
N LYS A 57 8.51 10.42 -5.75
CA LYS A 57 8.99 11.43 -6.70
C LYS A 57 8.29 12.77 -6.45
N GLN A 58 9.05 13.77 -6.03
CA GLN A 58 8.47 15.07 -5.74
C GLN A 58 8.44 15.98 -6.96
N LEU A 59 7.29 16.60 -7.19
CA LEU A 59 7.12 17.52 -8.31
C LEU A 59 6.77 18.88 -7.74
N THR A 60 7.68 19.82 -7.90
CA THR A 60 7.50 21.15 -7.35
C THR A 60 6.30 21.86 -7.92
N GLY A 61 6.01 23.01 -7.34
CA GLY A 61 4.88 23.80 -7.75
C GLY A 61 3.80 23.81 -6.70
N LYS A 62 3.84 22.82 -5.81
CA LYS A 62 2.86 22.71 -4.72
C LYS A 62 3.58 22.37 -3.41
N HIS A 63 2.83 21.84 -2.44
CA HIS A 63 3.42 21.48 -1.15
C HIS A 63 3.05 20.06 -0.76
N GLU A 64 2.94 19.19 -1.76
CA GLU A 64 2.58 17.81 -1.56
C GLU A 64 3.60 16.92 -2.24
N ILE A 65 3.71 15.67 -1.79
CA ILE A 65 4.72 14.79 -2.35
C ILE A 65 4.06 13.67 -3.15
N GLU A 66 4.65 13.46 -4.32
CA GLU A 66 4.16 12.47 -5.28
C GLU A 66 5.19 11.39 -5.51
N GLY A 67 4.76 10.30 -6.12
CA GLY A 67 5.65 9.20 -6.38
C GLY A 67 4.90 7.96 -6.79
N TYR A 68 5.50 6.82 -6.51
CA TYR A 68 4.86 5.57 -6.82
C TYR A 68 4.74 4.75 -5.56
N THR A 69 3.57 4.20 -5.35
CA THR A 69 3.28 3.42 -4.18
C THR A 69 3.27 1.93 -4.52
N LYS A 70 3.77 1.12 -3.60
CA LYS A 70 3.80 -0.33 -3.77
C LYS A 70 2.98 -0.94 -2.65
N ILE A 71 2.21 -1.98 -2.93
CA ILE A 71 1.38 -2.55 -1.86
C ILE A 71 1.39 -4.06 -1.79
N TYR A 72 1.32 -4.56 -0.53
CA TYR A 72 1.28 -6.00 -0.29
C TYR A 72 -0.07 -6.45 0.30
N ALA A 73 -0.78 -7.21 -0.55
CA ALA A 73 -2.10 -7.75 -0.25
C ALA A 73 -2.05 -9.12 0.43
N ASP A 74 -0.84 -9.67 0.57
CA ASP A 74 -0.65 -11.00 1.14
C ASP A 74 -0.88 -11.04 2.65
N LYS A 75 -1.19 -9.89 3.26
CA LYS A 75 -1.43 -9.82 4.70
C LYS A 75 -2.28 -11.01 5.19
N PRO A 76 -3.43 -11.27 4.53
CA PRO A 76 -4.31 -12.38 4.90
C PRO A 76 -3.55 -13.66 5.19
N SER A 77 -2.48 -13.88 4.44
CA SER A 77 -1.65 -15.07 4.62
C SER A 77 -0.76 -14.89 5.85
N ALA A 78 -0.27 -13.67 6.05
CA ALA A 78 0.58 -13.36 7.19
C ALA A 78 -0.24 -13.34 8.49
N MET A 79 -1.33 -12.58 8.48
CA MET A 79 -2.20 -12.47 9.64
C MET A 79 -2.59 -13.85 10.17
N LEU A 80 -2.75 -14.80 9.27
CA LEU A 80 -3.11 -16.16 9.64
C LEU A 80 -2.08 -16.74 10.60
N TYR A 81 -0.83 -16.30 10.46
CA TYR A 81 0.25 -16.77 11.32
C TYR A 81 0.19 -16.09 12.67
N GLU A 82 -0.33 -14.87 12.70
CA GLU A 82 -0.43 -14.11 13.94
C GLU A 82 0.95 -13.80 14.51
N PRO A 83 1.32 -12.51 14.58
CA PRO A 83 2.62 -12.10 15.13
C PRO A 83 2.91 -12.71 16.49
N ASP A 84 1.84 -13.00 17.23
CA ASP A 84 1.97 -13.60 18.55
C ASP A 84 1.72 -15.10 18.51
N TYR A 85 1.69 -15.66 17.31
CA TYR A 85 1.45 -17.10 17.13
C TYR A 85 0.27 -17.59 17.96
N GLU A 86 0.06 -18.89 17.99
CA GLU A 86 -1.04 -19.48 18.75
C GLU A 86 -2.39 -18.91 18.30
N LEU A 87 -2.89 -19.40 17.17
CA LEU A 87 -4.16 -18.94 16.64
C LEU A 87 -5.32 -19.69 17.29
N ILE A 88 -5.04 -20.92 17.75
CA ILE A 88 -6.05 -21.76 18.39
C ILE A 88 -6.94 -22.47 17.37
N ARG A 89 -7.20 -21.82 16.24
CA ARG A 89 -8.05 -22.39 15.22
C ARG A 89 -7.21 -22.91 14.05
N ASN A 90 -7.87 -23.26 12.95
CA ASN A 90 -7.19 -23.77 11.77
C ASN A 90 -7.09 -22.69 10.69
N GLY A 91 -8.22 -22.05 10.41
CA GLY A 91 -8.24 -21.00 9.40
C GLY A 91 -9.01 -21.41 8.15
N LEU A 92 -8.30 -21.54 7.04
CA LEU A 92 -8.93 -21.93 5.78
C LEU A 92 -8.77 -23.43 5.54
N LYS A 93 -9.51 -23.94 4.56
CA LYS A 93 -9.46 -25.36 4.22
C LYS A 93 -8.02 -25.84 4.06
N GLN A 94 -7.17 -24.98 3.52
CA GLN A 94 -5.76 -25.32 3.33
C GLN A 94 -5.61 -26.54 2.45
N LYS A 95 -6.65 -26.84 1.66
CA LYS A 95 -6.62 -28.01 0.77
C LYS A 95 -6.25 -29.28 1.52
N GLU A 96 -6.85 -29.46 2.69
CA GLU A 96 -6.58 -30.64 3.51
C GLU A 96 -7.39 -30.60 4.80
N ALA A 97 -7.50 -29.41 5.39
CA ALA A 97 -8.24 -29.24 6.64
C ALA A 97 -9.74 -29.18 6.38
N LYS A 98 -10.47 -30.15 6.91
CA LYS A 98 -11.92 -30.20 6.74
C LYS A 98 -12.28 -30.34 5.26
N MET A 1 -2.81 15.79 5.74
CA MET A 1 -2.24 15.17 4.55
C MET A 1 -3.35 14.79 3.56
N ASP A 2 -3.08 14.77 2.24
CA ASP A 2 -4.11 14.41 1.27
C ASP A 2 -3.55 13.47 0.23
N LEU A 3 -3.97 12.23 0.26
CA LEU A 3 -3.44 11.29 -0.69
C LEU A 3 -4.30 11.10 -1.92
N ILE A 4 -3.78 11.54 -3.06
CA ILE A 4 -4.48 11.31 -4.32
C ILE A 4 -3.75 10.19 -5.02
N ILE A 5 -4.44 9.10 -5.15
CA ILE A 5 -3.87 7.89 -5.68
C ILE A 5 -4.35 7.46 -7.08
N LYS A 6 -3.40 6.93 -7.87
CA LYS A 6 -3.68 6.35 -9.19
C LYS A 6 -3.14 4.91 -9.12
N GLU A 7 -3.96 4.06 -8.51
CA GLU A 7 -3.61 2.67 -8.21
C GLU A 7 -3.70 1.67 -9.37
N LYS A 8 -2.67 0.82 -9.47
CA LYS A 8 -2.62 -0.23 -10.47
C LYS A 8 -2.19 -1.50 -9.74
N ARG A 9 -3.06 -2.50 -9.65
CA ARG A 9 -2.69 -3.69 -8.87
C ARG A 9 -2.69 -4.99 -9.66
N ASP A 10 -1.67 -5.80 -9.38
CA ASP A 10 -1.53 -7.12 -9.99
C ASP A 10 -1.35 -8.15 -8.87
N ASN A 11 -2.30 -9.05 -8.74
CA ASN A 11 -2.16 -10.02 -7.69
C ASN A 11 -2.07 -11.44 -8.22
N PRO A 12 -0.90 -12.07 -8.04
CA PRO A 12 -0.63 -13.43 -8.42
C PRO A 12 -0.58 -14.29 -7.15
N ILE A 13 0.58 -14.83 -6.83
CA ILE A 13 0.75 -15.62 -5.63
C ILE A 13 0.74 -14.73 -4.38
N LEU A 14 1.42 -13.58 -4.47
CA LEU A 14 1.56 -12.66 -3.34
C LEU A 14 0.75 -11.40 -3.43
N LYS A 15 -0.10 -11.28 -4.42
CA LYS A 15 -0.97 -10.13 -4.42
C LYS A 15 -0.20 -8.80 -4.41
N ARG A 16 0.73 -8.62 -5.36
CA ARG A 16 1.56 -7.41 -5.39
C ARG A 16 0.98 -6.34 -6.30
N LYS A 17 0.90 -5.11 -5.80
CA LYS A 17 0.35 -4.04 -6.63
C LYS A 17 1.32 -2.86 -6.79
N GLU A 18 1.08 -2.07 -7.87
CA GLU A 18 1.89 -0.89 -8.21
C GLU A 18 0.95 0.28 -8.46
N ILE A 19 0.96 1.23 -7.56
CA ILE A 19 0.08 2.38 -7.64
C ILE A 19 0.84 3.66 -7.43
N LYS A 20 0.38 4.71 -8.05
CA LYS A 20 1.03 6.00 -7.92
C LYS A 20 0.33 6.82 -6.83
N TYR A 21 1.11 7.53 -6.00
CA TYR A 21 0.50 8.27 -4.89
C TYR A 21 1.10 9.68 -4.63
N VAL A 22 0.24 10.58 -4.12
CA VAL A 22 0.64 11.94 -3.72
C VAL A 22 -0.06 12.27 -2.40
N LEU A 23 0.69 12.77 -1.44
CA LEU A 23 0.17 13.17 -0.17
C LEU A 23 0.30 14.67 -0.12
N LYS A 24 -0.79 15.36 0.11
CA LYS A 24 -0.74 16.80 0.16
C LYS A 24 -0.73 17.19 1.60
N PHE A 25 0.31 17.87 1.98
CA PHE A 25 0.46 18.25 3.35
C PHE A 25 0.31 19.74 3.54
N ASP A 26 -0.48 20.12 4.52
CA ASP A 26 -0.74 21.52 4.82
C ASP A 26 -0.96 21.77 6.31
N SER A 27 -0.99 23.04 6.69
CA SER A 27 -1.19 23.43 8.09
C SER A 27 -0.14 22.77 8.96
N SER A 28 1.10 23.25 8.85
CA SER A 28 2.20 22.68 9.62
C SER A 28 2.41 21.24 9.20
N ARG A 29 3.56 20.94 8.61
CA ARG A 29 3.83 19.59 8.15
C ARG A 29 4.07 18.65 9.32
N THR A 30 3.11 17.78 9.53
CA THR A 30 3.18 16.80 10.60
C THR A 30 3.12 15.38 10.04
N PRO A 31 4.24 14.66 10.03
CA PRO A 31 4.26 13.28 9.50
C PRO A 31 3.59 12.31 10.46
N SER A 32 2.64 11.53 9.96
CA SER A 32 1.96 10.56 10.79
C SER A 32 2.15 9.15 10.24
N ARG A 33 2.11 8.15 11.11
CA ARG A 33 2.26 6.77 10.66
C ARG A 33 1.00 6.27 9.95
N GLU A 34 -0.14 6.47 10.60
CA GLU A 34 -1.44 6.04 10.09
C GLU A 34 -1.96 6.94 8.97
N GLU A 35 -1.91 8.25 9.19
CA GLU A 35 -2.47 9.20 8.22
C GLU A 35 -1.87 9.06 6.83
N ILE A 36 -0.55 9.10 6.69
CA ILE A 36 0.06 8.97 5.38
C ILE A 36 0.01 7.52 4.88
N LYS A 37 0.53 6.63 5.66
CA LYS A 37 0.58 5.19 5.31
C LYS A 37 -0.80 4.61 5.06
N GLU A 38 -1.70 4.75 6.00
CA GLU A 38 -3.01 4.19 5.80
C GLU A 38 -3.73 4.91 4.66
N LEU A 39 -3.83 6.23 4.72
CA LEU A 39 -4.50 6.94 3.65
C LEU A 39 -3.83 6.64 2.29
N ILE A 40 -2.52 6.35 2.29
CA ILE A 40 -1.85 6.02 1.03
C ILE A 40 -2.14 4.59 0.59
N ALA A 41 -1.91 3.58 1.43
CA ALA A 41 -2.19 2.18 1.05
C ALA A 41 -3.66 1.95 0.77
N LYS A 42 -4.47 2.42 1.68
CA LYS A 42 -5.89 2.23 1.59
C LYS A 42 -6.34 2.78 0.25
N HIS A 43 -5.95 4.00 -0.05
CA HIS A 43 -6.22 4.59 -1.35
C HIS A 43 -5.57 3.76 -2.43
N GLU A 44 -4.32 3.39 -2.16
CA GLU A 44 -3.51 2.58 -3.05
C GLU A 44 -4.26 1.35 -3.51
N GLY A 45 -5.37 1.07 -2.85
CA GLY A 45 -6.16 -0.06 -3.21
C GLY A 45 -5.86 -1.21 -2.28
N VAL A 46 -5.41 -0.85 -1.07
CA VAL A 46 -4.98 -1.86 -0.12
C VAL A 46 -5.10 -1.42 1.35
N ASP A 47 -4.95 -2.38 2.27
CA ASP A 47 -5.02 -2.11 3.70
C ASP A 47 -3.72 -1.53 4.25
N LYS A 48 -3.69 -1.30 5.56
CA LYS A 48 -2.52 -0.77 6.26
C LYS A 48 -1.37 -1.77 6.29
N GLU A 49 -1.69 -3.06 6.25
CA GLU A 49 -0.67 -4.09 6.27
C GLU A 49 0.13 -4.07 4.97
N LEU A 50 -0.59 -3.92 3.88
CA LEU A 50 -0.07 -3.91 2.53
C LEU A 50 0.59 -2.59 2.14
N VAL A 51 0.99 -1.74 3.08
CA VAL A 51 1.60 -0.48 2.65
C VAL A 51 3.12 -0.46 2.68
N ILE A 52 3.70 -0.36 1.48
CA ILE A 52 5.13 -0.21 1.30
C ILE A 52 5.39 0.89 0.27
N VAL A 53 5.82 2.08 0.68
CA VAL A 53 6.08 3.12 -0.33
C VAL A 53 7.46 3.75 -0.15
N ASP A 54 8.32 3.52 -1.16
CA ASP A 54 9.67 4.06 -1.17
C ASP A 54 9.84 5.05 -2.31
N ASN A 55 10.78 5.97 -2.15
CA ASN A 55 11.03 6.98 -3.17
C ASN A 55 9.79 7.83 -3.40
N ASN A 56 10.00 9.12 -3.63
CA ASN A 56 8.88 10.03 -3.83
C ASN A 56 9.24 11.17 -4.79
N LYS A 57 8.72 11.09 -6.01
CA LYS A 57 8.95 12.12 -7.00
C LYS A 57 8.05 13.33 -6.69
N GLN A 58 8.65 14.46 -6.32
CA GLN A 58 7.84 15.63 -5.97
C GLN A 58 7.75 16.63 -7.11
N LEU A 59 6.59 16.70 -7.75
CA LEU A 59 6.36 17.64 -8.83
C LEU A 59 5.18 18.55 -8.49
N THR A 60 5.46 19.84 -8.29
CA THR A 60 4.41 20.80 -7.95
C THR A 60 5.01 22.11 -7.42
N GLY A 61 4.13 23.05 -7.09
CA GLY A 61 4.57 24.33 -6.56
C GLY A 61 4.05 24.57 -5.16
N LYS A 62 2.89 23.98 -4.85
CA LYS A 62 2.28 24.13 -3.55
C LYS A 62 3.17 23.53 -2.46
N HIS A 63 3.00 22.23 -2.20
CA HIS A 63 3.80 21.54 -1.19
C HIS A 63 3.27 20.13 -0.90
N GLU A 64 3.12 19.32 -1.94
CA GLU A 64 2.63 17.98 -1.80
C GLU A 64 3.63 17.07 -2.48
N ILE A 65 3.67 15.82 -2.07
CA ILE A 65 4.67 14.91 -2.60
C ILE A 65 4.06 13.81 -3.45
N GLU A 66 4.72 13.54 -4.56
CA GLU A 66 4.29 12.52 -5.49
C GLU A 66 5.33 11.44 -5.59
N GLY A 67 4.93 10.31 -6.12
CA GLY A 67 5.85 9.19 -6.28
C GLY A 67 5.11 7.94 -6.64
N TYR A 68 5.74 6.81 -6.40
CA TYR A 68 5.11 5.55 -6.69
C TYR A 68 5.09 4.70 -5.44
N THR A 69 3.93 4.12 -5.15
CA THR A 69 3.78 3.30 -3.97
C THR A 69 3.72 1.82 -4.31
N LYS A 70 4.25 1.02 -3.40
CA LYS A 70 4.29 -0.43 -3.53
C LYS A 70 3.44 -1.04 -2.41
N ILE A 71 2.71 -2.12 -2.68
CA ILE A 71 1.88 -2.71 -1.63
C ILE A 71 1.96 -4.22 -1.53
N TYR A 72 1.93 -4.69 -0.27
CA TYR A 72 1.93 -6.13 0.02
C TYR A 72 0.65 -6.57 0.73
N ALA A 73 -0.14 -7.36 0.00
CA ALA A 73 -1.41 -7.88 0.49
C ALA A 73 -1.26 -9.23 1.20
N ASP A 74 -0.11 -9.85 1.05
CA ASP A 74 0.14 -11.16 1.66
C ASP A 74 0.39 -11.06 3.16
N LYS A 75 0.59 -9.85 3.66
CA LYS A 75 0.85 -9.64 5.08
C LYS A 75 -0.35 -10.03 5.94
N PRO A 76 -1.54 -9.43 5.67
CA PRO A 76 -2.75 -9.74 6.44
C PRO A 76 -3.14 -11.20 6.32
N SER A 77 -3.13 -11.71 5.10
CA SER A 77 -3.48 -13.11 4.86
C SER A 77 -2.56 -14.02 5.68
N ALA A 78 -1.32 -13.58 5.86
CA ALA A 78 -0.35 -14.33 6.63
C ALA A 78 -0.68 -14.28 8.12
N MET A 79 -0.97 -13.08 8.62
CA MET A 79 -1.29 -12.90 10.03
C MET A 79 -2.65 -13.47 10.39
N LEU A 80 -3.66 -13.18 9.56
CA LEU A 80 -5.02 -13.65 9.83
C LEU A 80 -5.22 -15.12 9.45
N TYR A 81 -4.66 -15.55 8.32
CA TYR A 81 -4.81 -16.94 7.87
C TYR A 81 -3.57 -17.78 8.18
N GLU A 82 -2.59 -17.18 8.86
CA GLU A 82 -1.36 -17.89 9.19
C GLU A 82 -0.56 -18.22 7.93
N PRO A 83 0.77 -17.98 7.95
CA PRO A 83 1.63 -18.25 6.79
C PRO A 83 1.73 -19.74 6.46
N ASP A 84 1.20 -20.59 7.35
CA ASP A 84 1.24 -22.04 7.14
C ASP A 84 0.06 -22.52 6.30
N TYR A 85 -0.65 -21.60 5.66
CA TYR A 85 -1.80 -21.95 4.83
C TYR A 85 -1.93 -21.00 3.65
N GLU A 86 -2.30 -21.53 2.49
CA GLU A 86 -2.47 -20.74 1.29
C GLU A 86 -3.73 -21.14 0.53
N LEU A 87 -4.87 -20.64 0.99
CA LEU A 87 -6.15 -20.94 0.37
C LEU A 87 -6.24 -20.34 -1.03
N ILE A 88 -5.45 -19.29 -1.27
CA ILE A 88 -5.43 -18.61 -2.57
C ILE A 88 -6.84 -18.37 -3.10
N ARG A 89 -7.80 -18.24 -2.19
CA ARG A 89 -9.18 -18.00 -2.57
C ARG A 89 -9.43 -16.53 -2.90
N ASN A 90 -9.56 -16.23 -4.19
CA ASN A 90 -9.80 -14.86 -4.64
C ASN A 90 -10.71 -14.84 -5.86
N GLY A 91 -11.24 -13.65 -6.17
CA GLY A 91 -12.12 -13.52 -7.31
C GLY A 91 -13.06 -12.34 -7.18
N LEU A 92 -13.72 -11.98 -8.28
CA LEU A 92 -14.66 -10.87 -8.27
C LEU A 92 -13.95 -9.56 -7.91
N LYS A 93 -13.23 -8.98 -8.86
CA LYS A 93 -12.51 -7.74 -8.63
C LYS A 93 -12.43 -6.92 -9.92
N GLN A 94 -13.59 -6.61 -10.49
CA GLN A 94 -13.64 -5.83 -11.72
C GLN A 94 -13.37 -4.35 -11.43
N LYS A 95 -12.12 -4.05 -11.10
CA LYS A 95 -11.72 -2.68 -10.79
C LYS A 95 -12.52 -2.12 -9.62
N GLU A 96 -12.14 -2.53 -8.41
CA GLU A 96 -12.82 -2.08 -7.19
C GLU A 96 -14.34 -2.15 -7.34
N ALA A 97 -14.82 -3.07 -8.18
CA ALA A 97 -16.25 -3.23 -8.41
C ALA A 97 -16.91 -1.90 -8.79
N LYS A 98 -17.34 -1.14 -7.79
CA LYS A 98 -17.98 0.14 -8.02
C LYS A 98 -17.69 1.12 -6.89
N MET A 1 -3.27 15.64 5.45
CA MET A 1 -2.63 15.09 4.26
C MET A 1 -3.70 14.72 3.21
N ASP A 2 -3.36 14.73 1.91
CA ASP A 2 -4.35 14.38 0.89
C ASP A 2 -3.75 13.44 -0.13
N LEU A 3 -4.17 12.22 -0.12
CA LEU A 3 -3.62 11.26 -1.04
C LEU A 3 -4.43 11.16 -2.32
N ILE A 4 -3.83 11.57 -3.44
CA ILE A 4 -4.52 11.42 -4.72
C ILE A 4 -3.94 10.22 -5.38
N ILE A 5 -4.84 9.37 -5.74
CA ILE A 5 -4.48 8.09 -6.25
C ILE A 5 -4.68 7.85 -7.76
N LYS A 6 -3.70 7.12 -8.30
CA LYS A 6 -3.70 6.60 -9.67
C LYS A 6 -3.14 5.19 -9.52
N GLU A 7 -3.77 4.49 -8.57
CA GLU A 7 -3.38 3.16 -8.09
C GLU A 7 -3.79 1.98 -8.96
N LYS A 8 -2.85 1.02 -9.15
CA LYS A 8 -3.12 -0.17 -9.93
C LYS A 8 -2.60 -1.38 -9.17
N ARG A 9 -3.39 -2.43 -9.06
CA ARG A 9 -2.96 -3.61 -8.30
C ARG A 9 -3.05 -4.90 -9.09
N ASP A 10 -1.98 -5.68 -9.00
CA ASP A 10 -1.92 -6.97 -9.66
C ASP A 10 -1.63 -8.06 -8.64
N ASN A 11 -2.58 -8.96 -8.46
CA ASN A 11 -2.36 -9.99 -7.49
C ASN A 11 -2.15 -11.34 -8.15
N PRO A 12 -0.93 -11.89 -8.06
CA PRO A 12 -0.58 -13.18 -8.62
C PRO A 12 -0.42 -14.17 -7.47
N ILE A 13 0.80 -14.67 -7.26
CA ILE A 13 1.07 -15.59 -6.17
C ILE A 13 1.03 -14.86 -4.82
N LEU A 14 1.62 -13.65 -4.82
CA LEU A 14 1.74 -12.86 -3.60
C LEU A 14 0.82 -11.62 -3.53
N LYS A 15 -0.18 -11.53 -4.41
CA LYS A 15 -1.12 -10.39 -4.33
C LYS A 15 -0.43 -9.02 -4.20
N ARG A 16 0.49 -8.68 -5.11
CA ARG A 16 1.21 -7.40 -5.00
C ARG A 16 0.59 -6.33 -5.88
N LYS A 17 0.78 -5.06 -5.51
CA LYS A 17 0.22 -3.98 -6.33
C LYS A 17 1.21 -2.86 -6.60
N GLU A 18 0.94 -2.09 -7.70
CA GLU A 18 1.79 -0.97 -8.12
C GLU A 18 0.89 0.22 -8.39
N ILE A 19 0.95 1.18 -7.52
CA ILE A 19 0.09 2.33 -7.61
C ILE A 19 0.84 3.63 -7.48
N LYS A 20 0.34 4.67 -8.14
CA LYS A 20 0.98 5.98 -8.08
C LYS A 20 0.23 6.85 -7.08
N TYR A 21 0.93 7.48 -6.16
CA TYR A 21 0.23 8.26 -5.13
C TYR A 21 0.86 9.61 -4.79
N VAL A 22 -0.02 10.56 -4.40
CA VAL A 22 0.40 11.92 -3.95
C VAL A 22 -0.26 12.22 -2.60
N LEU A 23 0.50 12.78 -1.68
CA LEU A 23 -0.02 13.15 -0.40
C LEU A 23 0.12 14.65 -0.29
N LYS A 24 -0.98 15.34 -0.09
CA LYS A 24 -0.92 16.78 0.01
C LYS A 24 -0.98 17.13 1.46
N PHE A 25 0.06 17.80 1.91
CA PHE A 25 0.14 18.13 3.31
C PHE A 25 0.01 19.62 3.54
N ASP A 26 -0.82 19.97 4.51
CA ASP A 26 -1.04 21.38 4.86
C ASP A 26 -0.30 21.75 6.14
N SER A 27 0.06 23.03 6.26
CA SER A 27 0.77 23.51 7.43
C SER A 27 2.10 22.79 7.60
N SER A 28 2.89 23.23 8.57
CA SER A 28 4.20 22.63 8.83
C SER A 28 4.11 21.63 9.99
N ARG A 29 2.99 20.91 10.05
CA ARG A 29 2.78 19.93 11.11
C ARG A 29 3.36 18.57 10.71
N THR A 30 3.75 17.78 11.71
CA THR A 30 4.32 16.46 11.45
C THR A 30 3.26 15.51 10.89
N PRO A 31 3.48 14.98 9.68
CA PRO A 31 2.54 14.05 9.05
C PRO A 31 2.16 12.89 9.97
N SER A 32 0.89 12.52 9.97
CA SER A 32 0.43 11.43 10.82
C SER A 32 0.90 10.09 10.28
N ARG A 33 1.04 9.10 11.15
CA ARG A 33 1.47 7.77 10.74
C ARG A 33 0.37 7.05 9.98
N GLU A 34 -0.83 7.05 10.57
CA GLU A 34 -1.99 6.39 9.98
C GLU A 34 -2.55 7.20 8.82
N GLU A 35 -2.60 8.52 8.96
CA GLU A 35 -3.14 9.38 7.93
C GLU A 35 -2.43 9.22 6.60
N ILE A 36 -1.11 9.31 6.59
CA ILE A 36 -0.37 9.15 5.33
C ILE A 36 -0.32 7.68 4.91
N LYS A 37 0.16 6.85 5.81
CA LYS A 37 0.29 5.40 5.56
C LYS A 37 -1.01 4.74 5.20
N GLU A 38 -2.02 4.90 6.02
CA GLU A 38 -3.28 4.27 5.71
C GLU A 38 -3.94 4.94 4.51
N LEU A 39 -4.11 6.24 4.54
CA LEU A 39 -4.71 6.92 3.41
C LEU A 39 -3.95 6.60 2.13
N ILE A 40 -2.64 6.35 2.23
CA ILE A 40 -1.87 6.00 1.04
C ILE A 40 -2.11 4.56 0.61
N ALA A 41 -1.96 3.59 1.50
CA ALA A 41 -2.19 2.17 1.14
C ALA A 41 -3.64 1.87 0.84
N LYS A 42 -4.48 2.30 1.76
CA LYS A 42 -5.88 2.05 1.67
C LYS A 42 -6.38 2.56 0.34
N HIS A 43 -6.04 3.80 0.05
CA HIS A 43 -6.34 4.38 -1.23
C HIS A 43 -5.50 3.75 -2.31
N GLU A 44 -4.29 3.35 -1.93
CA GLU A 44 -3.36 2.72 -2.85
C GLU A 44 -3.98 1.51 -3.48
N GLY A 45 -5.12 1.11 -2.93
CA GLY A 45 -5.80 -0.04 -3.43
C GLY A 45 -5.54 -1.20 -2.51
N VAL A 46 -5.19 -0.86 -1.26
CA VAL A 46 -4.80 -1.87 -0.29
C VAL A 46 -5.01 -1.45 1.17
N ASP A 47 -4.91 -2.43 2.08
CA ASP A 47 -5.06 -2.17 3.52
C ASP A 47 -3.78 -1.62 4.16
N LYS A 48 -3.84 -1.45 5.49
CA LYS A 48 -2.72 -0.94 6.28
C LYS A 48 -1.55 -1.93 6.36
N GLU A 49 -1.85 -3.22 6.30
CA GLU A 49 -0.80 -4.24 6.35
C GLU A 49 0.03 -4.21 5.08
N LEU A 50 -0.66 -4.02 3.97
CA LEU A 50 -0.11 -3.98 2.64
C LEU A 50 0.60 -2.67 2.31
N VAL A 51 0.91 -1.81 3.29
CA VAL A 51 1.54 -0.55 2.92
C VAL A 51 3.07 -0.54 3.00
N ILE A 52 3.69 -0.40 1.83
CA ILE A 52 5.12 -0.23 1.70
C ILE A 52 5.38 0.92 0.72
N VAL A 53 5.79 2.09 1.20
CA VAL A 53 6.01 3.20 0.26
C VAL A 53 7.43 3.79 0.39
N ASP A 54 8.22 3.59 -0.66
CA ASP A 54 9.58 4.11 -0.72
C ASP A 54 9.73 5.12 -1.84
N ASN A 55 10.62 6.09 -1.65
CA ASN A 55 10.87 7.12 -2.65
C ASN A 55 9.59 7.85 -3.04
N ASN A 56 9.74 9.11 -3.38
CA ASN A 56 8.60 9.94 -3.77
C ASN A 56 9.02 11.08 -4.68
N LYS A 57 8.57 11.04 -5.93
CA LYS A 57 8.87 12.09 -6.90
C LYS A 57 7.94 13.29 -6.67
N GLN A 58 8.49 14.42 -6.25
CA GLN A 58 7.67 15.61 -6.00
C GLN A 58 7.60 16.53 -7.22
N LEU A 59 6.45 16.56 -7.88
CA LEU A 59 6.26 17.42 -9.06
C LEU A 59 5.12 18.43 -8.83
N THR A 60 5.48 19.72 -8.77
CA THR A 60 4.49 20.78 -8.59
C THR A 60 5.14 22.03 -8.00
N GLY A 61 5.78 21.87 -6.85
CA GLY A 61 6.41 23.01 -6.20
C GLY A 61 5.55 23.54 -5.06
N LYS A 62 4.26 23.21 -5.09
CA LYS A 62 3.34 23.67 -4.06
C LYS A 62 3.80 23.18 -2.69
N HIS A 63 3.45 21.94 -2.34
CA HIS A 63 3.83 21.39 -1.05
C HIS A 63 3.29 19.97 -0.83
N GLU A 64 3.04 19.23 -1.91
CA GLU A 64 2.53 17.90 -1.82
C GLU A 64 3.54 16.98 -2.49
N ILE A 65 3.56 15.73 -2.09
CA ILE A 65 4.55 14.80 -2.61
C ILE A 65 3.92 13.70 -3.44
N GLU A 66 4.55 13.45 -4.58
CA GLU A 66 4.11 12.42 -5.49
C GLU A 66 5.18 11.37 -5.62
N GLY A 67 4.80 10.23 -6.15
CA GLY A 67 5.75 9.17 -6.32
C GLY A 67 5.07 7.88 -6.67
N TYR A 68 5.73 6.78 -6.36
CA TYR A 68 5.15 5.50 -6.62
C TYR A 68 5.09 4.72 -5.34
N THR A 69 3.94 4.13 -5.11
CA THR A 69 3.72 3.36 -3.90
C THR A 69 3.73 1.87 -4.22
N LYS A 70 4.24 1.08 -3.28
CA LYS A 70 4.32 -0.36 -3.42
C LYS A 70 3.53 -0.99 -2.28
N ILE A 71 2.81 -2.07 -2.53
CA ILE A 71 2.02 -2.65 -1.44
C ILE A 71 2.07 -4.16 -1.35
N TYR A 72 2.08 -4.66 -0.09
CA TYR A 72 2.04 -6.10 0.16
C TYR A 72 0.73 -6.54 0.83
N ALA A 73 -0.03 -7.34 0.10
CA ALA A 73 -1.31 -7.85 0.58
C ALA A 73 -1.14 -9.16 1.35
N ASP A 74 0.07 -9.72 1.32
CA ASP A 74 0.35 -10.97 2.02
C ASP A 74 0.67 -10.73 3.50
N LYS A 75 0.80 -9.47 3.88
CA LYS A 75 1.11 -9.13 5.27
C LYS A 75 -0.03 -9.55 6.21
N PRO A 76 -1.28 -9.17 5.90
CA PRO A 76 -2.43 -9.53 6.74
C PRO A 76 -2.82 -11.00 6.56
N SER A 77 -2.86 -11.44 5.31
CA SER A 77 -3.21 -12.82 5.00
C SER A 77 -2.22 -13.77 5.67
N ALA A 78 -0.98 -13.30 5.82
CA ALA A 78 0.06 -14.10 6.46
C ALA A 78 -0.26 -14.33 7.93
N MET A 79 -0.71 -13.27 8.60
CA MET A 79 -1.04 -13.37 10.02
C MET A 79 -2.30 -14.21 10.25
N LEU A 80 -3.35 -13.91 9.48
CA LEU A 80 -4.63 -14.62 9.61
C LEU A 80 -4.61 -15.99 8.93
N TYR A 81 -3.99 -16.08 7.76
CA TYR A 81 -3.95 -17.34 7.02
C TYR A 81 -2.67 -18.14 7.28
N GLU A 82 -1.56 -17.44 7.45
CA GLU A 82 -0.28 -18.10 7.69
C GLU A 82 0.15 -18.92 6.47
N PRO A 83 1.31 -18.59 5.87
CA PRO A 83 1.82 -19.31 4.69
C PRO A 83 2.29 -20.73 5.02
N ASP A 84 2.32 -21.07 6.30
CA ASP A 84 2.75 -22.39 6.72
C ASP A 84 1.65 -23.43 6.53
N TYR A 85 0.43 -22.96 6.27
CA TYR A 85 -0.71 -23.85 6.06
C TYR A 85 -1.31 -23.65 4.67
N GLU A 86 -0.87 -24.47 3.72
CA GLU A 86 -1.37 -24.37 2.35
C GLU A 86 -1.07 -23.00 1.75
N LEU A 87 0.00 -22.91 0.98
CA LEU A 87 0.38 -21.66 0.34
C LEU A 87 -0.57 -21.31 -0.80
N ILE A 88 -0.96 -22.32 -1.57
CA ILE A 88 -1.87 -22.12 -2.69
C ILE A 88 -2.20 -23.44 -3.37
N ARG A 89 -1.18 -24.26 -3.59
CA ARG A 89 -1.35 -25.55 -4.23
C ARG A 89 -1.87 -25.40 -5.67
N ASN A 90 -3.17 -25.17 -5.80
CA ASN A 90 -3.79 -25.00 -7.11
C ASN A 90 -3.75 -23.53 -7.54
N GLY A 91 -3.76 -23.31 -8.85
CA GLY A 91 -3.72 -21.95 -9.36
C GLY A 91 -5.09 -21.30 -9.36
N LEU A 92 -5.38 -20.56 -8.30
CA LEU A 92 -6.66 -19.87 -8.18
C LEU A 92 -6.76 -18.71 -9.16
N LYS A 93 -7.91 -18.62 -9.85
CA LYS A 93 -8.12 -17.56 -10.82
C LYS A 93 -9.28 -16.66 -10.39
N GLN A 94 -8.95 -15.50 -9.83
CA GLN A 94 -9.95 -14.55 -9.38
C GLN A 94 -10.26 -13.52 -10.46
N LYS A 95 -10.54 -14.00 -11.67
CA LYS A 95 -10.85 -13.13 -12.80
C LYS A 95 -9.65 -12.27 -13.17
N GLU A 96 -8.53 -12.92 -13.46
CA GLU A 96 -7.31 -12.22 -13.83
C GLU A 96 -6.20 -13.20 -14.19
N ALA A 97 -6.11 -14.28 -13.42
CA ALA A 97 -5.10 -15.31 -13.66
C ALA A 97 -3.70 -14.73 -13.51
N LYS A 98 -3.20 -14.11 -14.58
CA LYS A 98 -1.87 -13.52 -14.58
C LYS A 98 -0.81 -14.54 -14.17
N MET A 1 -3.09 15.79 5.80
CA MET A 1 -2.49 15.13 4.64
C MET A 1 -3.58 14.73 3.63
N ASP A 2 -3.27 14.75 2.31
CA ASP A 2 -4.29 14.39 1.31
C ASP A 2 -3.70 13.46 0.27
N LEU A 3 -4.11 12.23 0.27
CA LEU A 3 -3.55 11.30 -0.67
C LEU A 3 -4.38 11.14 -1.93
N ILE A 4 -3.83 11.59 -3.05
CA ILE A 4 -4.50 11.38 -4.33
C ILE A 4 -3.73 10.29 -5.04
N ILE A 5 -4.41 9.19 -5.19
CA ILE A 5 -3.82 7.99 -5.74
C ILE A 5 -4.29 7.59 -7.15
N LYS A 6 -3.33 7.08 -7.94
CA LYS A 6 -3.61 6.53 -9.27
C LYS A 6 -3.12 5.08 -9.23
N GLU A 7 -3.93 4.25 -8.60
CA GLU A 7 -3.63 2.85 -8.32
C GLU A 7 -3.69 1.88 -9.51
N LYS A 8 -2.66 1.01 -9.60
CA LYS A 8 -2.58 0.01 -10.63
C LYS A 8 -2.21 -1.29 -9.92
N ARG A 9 -2.96 -2.37 -10.10
CA ARG A 9 -2.64 -3.61 -9.37
C ARG A 9 -2.53 -4.84 -10.25
N ASP A 10 -1.52 -5.65 -9.95
CA ASP A 10 -1.30 -6.91 -10.64
C ASP A 10 -1.20 -8.04 -9.61
N ASN A 11 -2.14 -8.95 -9.64
CA ASN A 11 -2.09 -10.02 -8.69
C ASN A 11 -1.73 -11.35 -9.33
N PRO A 12 -0.55 -11.88 -9.03
CA PRO A 12 -0.07 -13.15 -9.51
C PRO A 12 -0.16 -14.17 -8.38
N ILE A 13 0.98 -14.69 -7.94
CA ILE A 13 1.00 -15.63 -6.84
C ILE A 13 0.68 -14.92 -5.51
N LEU A 14 1.29 -13.74 -5.35
CA LEU A 14 1.17 -12.96 -4.12
C LEU A 14 0.30 -11.70 -4.21
N LYS A 15 -0.55 -11.57 -5.22
CA LYS A 15 -1.44 -10.40 -5.31
C LYS A 15 -0.71 -9.06 -5.07
N ARG A 16 0.35 -8.77 -5.83
CA ARG A 16 1.11 -7.53 -5.64
C ARG A 16 0.58 -6.43 -6.53
N LYS A 17 0.64 -5.18 -6.08
CA LYS A 17 0.15 -4.08 -6.92
C LYS A 17 1.11 -2.89 -6.97
N GLU A 18 0.94 -2.06 -8.00
CA GLU A 18 1.77 -0.87 -8.20
C GLU A 18 0.88 0.33 -8.47
N ILE A 19 0.89 1.24 -7.53
CA ILE A 19 0.04 2.42 -7.63
C ILE A 19 0.83 3.69 -7.37
N LYS A 20 0.40 4.77 -8.00
CA LYS A 20 1.09 6.05 -7.84
C LYS A 20 0.37 6.90 -6.78
N TYR A 21 1.12 7.63 -5.95
CA TYR A 21 0.49 8.40 -4.88
C TYR A 21 1.06 9.81 -4.63
N VAL A 22 0.20 10.70 -4.09
CA VAL A 22 0.60 12.06 -3.67
C VAL A 22 -0.12 12.38 -2.37
N LEU A 23 0.63 12.85 -1.39
CA LEU A 23 0.10 13.22 -0.12
C LEU A 23 0.17 14.72 -0.06
N LYS A 24 -0.94 15.36 0.22
CA LYS A 24 -0.95 16.78 0.29
C LYS A 24 -0.91 17.16 1.73
N PHE A 25 0.12 17.87 2.08
CA PHE A 25 0.30 18.23 3.46
C PHE A 25 0.10 19.72 3.67
N ASP A 26 -0.67 20.04 4.71
CA ASP A 26 -0.97 21.42 5.03
C ASP A 26 -1.03 21.64 6.55
N SER A 27 -0.35 22.69 7.01
CA SER A 27 -0.30 23.04 8.44
C SER A 27 0.96 22.47 9.06
N SER A 28 2.11 22.95 8.59
CA SER A 28 3.39 22.46 9.07
C SER A 28 3.54 20.99 8.70
N ARG A 29 4.75 20.58 8.43
CA ARG A 29 5.00 19.19 8.04
C ARG A 29 4.78 18.27 9.23
N THR A 30 3.71 17.51 9.17
CA THR A 30 3.38 16.57 10.22
C THR A 30 3.30 15.14 9.68
N PRO A 31 4.30 14.29 9.99
CA PRO A 31 4.32 12.92 9.52
C PRO A 31 3.62 11.97 10.49
N SER A 32 2.67 11.19 9.98
CA SER A 32 1.95 10.24 10.81
C SER A 32 2.07 8.84 10.23
N ARG A 33 1.99 7.82 11.09
CA ARG A 33 2.10 6.45 10.63
C ARG A 33 0.81 6.00 9.92
N GLU A 34 -0.32 6.23 10.57
CA GLU A 34 -1.63 5.85 10.05
C GLU A 34 -2.13 6.77 8.95
N GLU A 35 -2.08 8.08 9.18
CA GLU A 35 -2.62 9.04 8.23
C GLU A 35 -2.02 8.93 6.83
N ILE A 36 -0.70 8.98 6.71
CA ILE A 36 -0.09 8.87 5.37
C ILE A 36 -0.14 7.45 4.86
N LYS A 37 0.40 6.54 5.65
CA LYS A 37 0.45 5.11 5.29
C LYS A 37 -0.91 4.52 5.02
N GLU A 38 -1.84 4.65 5.93
CA GLU A 38 -3.14 4.08 5.69
C GLU A 38 -3.85 4.80 4.56
N LEU A 39 -3.97 6.12 4.64
CA LEU A 39 -4.62 6.85 3.57
C LEU A 39 -3.95 6.56 2.22
N ILE A 40 -2.63 6.28 2.24
CA ILE A 40 -1.94 5.97 1.00
C ILE A 40 -2.22 4.54 0.52
N ALA A 41 -2.02 3.52 1.36
CA ALA A 41 -2.28 2.14 0.94
C ALA A 41 -3.75 1.93 0.62
N LYS A 42 -4.56 2.38 1.54
CA LYS A 42 -5.99 2.24 1.43
C LYS A 42 -6.43 2.83 0.11
N HIS A 43 -5.99 4.04 -0.16
CA HIS A 43 -6.26 4.67 -1.45
C HIS A 43 -5.60 3.84 -2.53
N GLU A 44 -4.37 3.43 -2.24
CA GLU A 44 -3.57 2.62 -3.15
C GLU A 44 -4.36 1.43 -3.64
N GLY A 45 -5.49 1.17 -2.98
CA GLY A 45 -6.31 0.06 -3.37
C GLY A 45 -6.06 -1.10 -2.45
N VAL A 46 -5.60 -0.78 -1.23
CA VAL A 46 -5.22 -1.83 -0.29
C VAL A 46 -5.32 -1.41 1.18
N ASP A 47 -5.22 -2.39 2.07
CA ASP A 47 -5.29 -2.15 3.51
C ASP A 47 -3.96 -1.61 4.07
N LYS A 48 -3.95 -1.41 5.39
CA LYS A 48 -2.76 -0.90 6.11
C LYS A 48 -1.63 -1.92 6.14
N GLU A 49 -1.95 -3.19 6.08
CA GLU A 49 -0.92 -4.23 6.11
C GLU A 49 -0.14 -4.24 4.78
N LEU A 50 -0.89 -4.10 3.70
CA LEU A 50 -0.39 -4.09 2.35
C LEU A 50 0.29 -2.79 1.96
N VAL A 51 0.73 -1.96 2.91
CA VAL A 51 1.36 -0.70 2.49
C VAL A 51 2.88 -0.72 2.52
N ILE A 52 3.47 -0.60 1.33
CA ILE A 52 4.90 -0.45 1.16
C ILE A 52 5.16 0.70 0.19
N VAL A 53 5.60 1.85 0.69
CA VAL A 53 5.85 2.96 -0.23
C VAL A 53 7.24 3.56 -0.01
N ASP A 54 8.09 3.41 -1.01
CA ASP A 54 9.46 3.93 -0.97
C ASP A 54 9.67 5.01 -2.02
N ASN A 55 10.62 5.90 -1.76
CA ASN A 55 10.93 6.97 -2.70
C ASN A 55 9.72 7.87 -2.91
N ASN A 56 9.98 9.16 -3.04
CA ASN A 56 8.92 10.13 -3.24
C ASN A 56 9.34 11.21 -4.25
N LYS A 57 8.80 11.11 -5.46
CA LYS A 57 9.11 12.09 -6.50
C LYS A 57 8.30 13.36 -6.23
N GLN A 58 8.98 14.45 -5.91
CA GLN A 58 8.30 15.69 -5.60
C GLN A 58 8.18 16.61 -6.82
N LEU A 59 6.97 17.09 -7.04
CA LEU A 59 6.71 18.02 -8.14
C LEU A 59 6.18 19.32 -7.55
N THR A 60 6.97 20.37 -7.66
CA THR A 60 6.62 21.65 -7.10
C THR A 60 5.45 22.30 -7.79
N GLY A 61 4.95 23.36 -7.17
CA GLY A 61 3.82 24.08 -7.71
C GLY A 61 2.77 24.37 -6.64
N LYS A 62 2.82 23.61 -5.55
CA LYS A 62 1.89 23.79 -4.45
C LYS A 62 2.57 23.56 -3.10
N HIS A 63 2.64 22.29 -2.66
CA HIS A 63 3.28 21.93 -1.39
C HIS A 63 2.89 20.52 -0.97
N GLU A 64 2.79 19.61 -1.93
CA GLU A 64 2.41 18.26 -1.68
C GLU A 64 3.45 17.35 -2.30
N ILE A 65 3.56 16.12 -1.81
CA ILE A 65 4.60 15.24 -2.30
C ILE A 65 4.04 14.09 -3.12
N GLU A 66 4.76 13.79 -4.18
CA GLU A 66 4.38 12.75 -5.12
C GLU A 66 5.42 11.64 -5.15
N GLY A 67 5.05 10.51 -5.70
CA GLY A 67 5.96 9.38 -5.76
C GLY A 67 5.28 8.13 -6.23
N TYR A 68 5.85 7.00 -5.87
CA TYR A 68 5.28 5.73 -6.26
C TYR A 68 5.00 4.91 -5.03
N THR A 69 3.82 4.32 -5.00
CA THR A 69 3.38 3.51 -3.89
C THR A 69 3.31 2.03 -4.31
N LYS A 70 3.62 1.13 -3.40
CA LYS A 70 3.60 -0.30 -3.67
C LYS A 70 2.93 -1.04 -2.52
N ILE A 71 2.28 -2.15 -2.82
CA ILE A 71 1.52 -2.85 -1.78
C ILE A 71 1.64 -4.35 -1.76
N TYR A 72 1.62 -4.86 -0.51
CA TYR A 72 1.66 -6.30 -0.26
C TYR A 72 0.40 -6.76 0.50
N ALA A 73 -0.39 -7.61 -0.17
CA ALA A 73 -1.63 -8.13 0.37
C ALA A 73 -1.44 -9.42 1.17
N ASP A 74 -0.27 -10.04 1.03
CA ASP A 74 0.01 -11.29 1.72
C ASP A 74 0.29 -11.08 3.20
N LYS A 75 0.42 -9.83 3.63
CA LYS A 75 0.70 -9.52 5.03
C LYS A 75 -0.47 -9.93 5.94
N PRO A 76 -1.69 -9.45 5.66
CA PRO A 76 -2.86 -9.77 6.48
C PRO A 76 -3.20 -11.25 6.44
N SER A 77 -3.20 -11.83 5.24
CA SER A 77 -3.50 -13.24 5.06
C SER A 77 -2.59 -14.10 5.93
N ALA A 78 -1.30 -13.78 5.91
CA ALA A 78 -0.31 -14.51 6.68
C ALA A 78 -0.41 -14.20 8.17
N MET A 79 -0.41 -12.91 8.50
CA MET A 79 -0.49 -12.47 9.90
C MET A 79 -1.82 -12.87 10.54
N LEU A 80 -2.86 -12.96 9.72
CA LEU A 80 -4.19 -13.33 10.23
C LEU A 80 -4.31 -14.82 10.46
N TYR A 81 -3.71 -15.61 9.59
CA TYR A 81 -3.78 -17.07 9.69
C TYR A 81 -2.51 -17.69 10.30
N GLU A 82 -1.57 -16.86 10.73
CA GLU A 82 -0.32 -17.39 11.30
C GLU A 82 -0.40 -17.56 12.82
N PRO A 83 -0.21 -16.49 13.63
CA PRO A 83 -0.23 -16.60 15.10
C PRO A 83 -1.62 -16.43 15.72
N ASP A 84 -2.49 -15.67 15.06
CA ASP A 84 -3.83 -15.42 15.60
C ASP A 84 -4.89 -16.26 14.88
N TYR A 85 -4.53 -16.86 13.75
CA TYR A 85 -5.48 -17.68 13.00
C TYR A 85 -6.78 -16.92 12.75
N GLU A 86 -7.71 -17.54 12.02
CA GLU A 86 -8.99 -16.91 11.70
C GLU A 86 -9.82 -17.79 10.77
N LEU A 87 -10.96 -17.26 10.34
CA LEU A 87 -11.84 -17.98 9.44
C LEU A 87 -11.40 -17.83 7.99
N ILE A 88 -10.78 -16.69 7.69
CA ILE A 88 -10.29 -16.40 6.34
C ILE A 88 -11.42 -15.89 5.43
N ARG A 89 -12.55 -15.53 6.03
CA ARG A 89 -13.70 -15.02 5.28
C ARG A 89 -14.08 -13.62 5.75
N ASN A 90 -13.09 -12.86 6.20
CA ASN A 90 -13.33 -11.51 6.69
C ASN A 90 -13.09 -10.48 5.58
N GLY A 91 -12.13 -10.77 4.72
CA GLY A 91 -11.81 -9.87 3.63
C GLY A 91 -12.84 -9.91 2.52
N LEU A 92 -13.30 -8.74 2.09
CA LEU A 92 -14.30 -8.66 1.03
C LEU A 92 -14.08 -7.41 0.18
N LYS A 93 -14.34 -7.52 -1.12
CA LYS A 93 -14.17 -6.40 -2.04
C LYS A 93 -15.24 -6.42 -3.12
N GLN A 94 -16.50 -6.56 -2.70
CA GLN A 94 -17.62 -6.59 -3.63
C GLN A 94 -17.58 -5.42 -4.59
N LYS A 95 -17.80 -4.22 -4.07
CA LYS A 95 -17.79 -3.03 -4.89
C LYS A 95 -18.03 -1.78 -4.05
N GLU A 96 -17.00 -1.35 -3.33
CA GLU A 96 -17.08 -0.18 -2.46
C GLU A 96 -18.35 -0.20 -1.61
N ALA A 97 -18.84 -1.39 -1.32
CA ALA A 97 -20.05 -1.55 -0.51
C ALA A 97 -21.23 -0.81 -1.13
N LYS A 98 -22.43 -1.08 -0.62
CA LYS A 98 -23.63 -0.44 -1.12
C LYS A 98 -23.81 -0.72 -2.61
N MET A 1 -2.93 15.64 5.71
CA MET A 1 -2.32 15.02 4.54
C MET A 1 -3.41 14.64 3.51
N ASP A 2 -3.09 14.58 2.20
CA ASP A 2 -4.12 14.24 1.22
C ASP A 2 -3.60 13.23 0.22
N LEU A 3 -4.42 12.36 -0.29
CA LEU A 3 -3.91 11.38 -1.23
C LEU A 3 -4.51 11.49 -2.62
N ILE A 4 -3.66 11.78 -3.60
CA ILE A 4 -4.12 11.79 -4.99
C ILE A 4 -3.61 10.52 -5.61
N ILE A 5 -4.51 9.61 -5.92
CA ILE A 5 -4.13 8.32 -6.45
C ILE A 5 -4.45 8.01 -7.89
N LYS A 6 -3.50 7.33 -8.51
CA LYS A 6 -3.65 6.78 -9.83
C LYS A 6 -3.19 5.33 -9.68
N GLU A 7 -3.78 4.72 -8.65
CA GLU A 7 -3.44 3.37 -8.18
C GLU A 7 -3.97 2.21 -9.00
N LYS A 8 -3.07 1.21 -9.26
CA LYS A 8 -3.44 0.04 -10.01
C LYS A 8 -3.02 -1.21 -9.22
N ARG A 9 -3.99 -1.98 -8.78
CA ARG A 9 -3.71 -3.19 -7.98
C ARG A 9 -3.79 -4.46 -8.82
N ASP A 10 -2.72 -5.25 -8.77
CA ASP A 10 -2.67 -6.51 -9.48
C ASP A 10 -2.31 -7.64 -8.52
N ASN A 11 -3.23 -8.57 -8.34
CA ASN A 11 -2.93 -9.65 -7.43
C ASN A 11 -2.83 -10.99 -8.15
N PRO A 12 -1.62 -11.57 -8.20
CA PRO A 12 -1.36 -12.85 -8.79
C PRO A 12 -1.14 -13.86 -7.67
N ILE A 13 0.04 -14.49 -7.61
CA ILE A 13 0.33 -15.41 -6.54
C ILE A 13 0.57 -14.67 -5.22
N LEU A 14 1.18 -13.48 -5.32
CA LEU A 14 1.52 -12.70 -4.14
C LEU A 14 0.64 -11.48 -3.90
N LYS A 15 -0.48 -11.37 -4.63
CA LYS A 15 -1.43 -10.28 -4.38
C LYS A 15 -0.78 -8.89 -4.23
N ARG A 16 0.02 -8.46 -5.22
CA ARG A 16 0.70 -7.15 -5.12
C ARG A 16 0.03 -6.09 -5.96
N LYS A 17 0.34 -4.85 -5.63
CA LYS A 17 -0.26 -3.75 -6.35
C LYS A 17 0.80 -2.70 -6.70
N GLU A 18 0.58 -2.00 -7.85
CA GLU A 18 1.51 -0.97 -8.33
C GLU A 18 0.70 0.26 -8.64
N ILE A 19 0.86 1.25 -7.80
CA ILE A 19 0.08 2.45 -7.89
C ILE A 19 0.89 3.73 -7.77
N LYS A 20 0.43 4.77 -8.43
CA LYS A 20 1.10 6.07 -8.37
C LYS A 20 0.38 6.98 -7.36
N TYR A 21 1.09 7.60 -6.41
CA TYR A 21 0.39 8.42 -5.41
C TYR A 21 1.07 9.76 -5.06
N VAL A 22 0.24 10.67 -4.53
CA VAL A 22 0.69 11.99 -4.03
C VAL A 22 0.01 12.26 -2.69
N LEU A 23 0.78 12.66 -1.69
CA LEU A 23 0.26 12.99 -0.40
C LEU A 23 0.37 14.49 -0.26
N LYS A 24 -0.73 15.15 0.02
CA LYS A 24 -0.68 16.58 0.15
C LYS A 24 -0.65 16.92 1.60
N PHE A 25 0.39 17.59 1.99
CA PHE A 25 0.57 17.93 3.37
C PHE A 25 0.56 19.43 3.56
N ASP A 26 -0.18 19.85 4.56
CA ASP A 26 -0.30 21.28 4.87
C ASP A 26 0.95 21.80 5.58
N SER A 27 1.02 23.11 5.78
CA SER A 27 2.15 23.73 6.44
C SER A 27 2.40 23.11 7.82
N SER A 28 1.68 23.61 8.83
CA SER A 28 1.82 23.08 10.18
C SER A 28 1.19 21.71 10.29
N ARG A 29 1.79 20.74 9.60
CA ARG A 29 1.29 19.38 9.61
C ARG A 29 2.07 18.49 10.57
N THR A 30 1.43 17.43 11.04
CA THR A 30 2.05 16.50 11.96
C THR A 30 2.09 15.10 11.32
N PRO A 31 3.29 14.57 11.04
CA PRO A 31 3.45 13.25 10.43
C PRO A 31 2.71 12.19 11.23
N SER A 32 1.86 11.42 10.55
CA SER A 32 1.12 10.35 11.22
C SER A 32 1.36 9.01 10.55
N ARG A 33 1.27 7.93 11.31
CA ARG A 33 1.45 6.60 10.76
C ARG A 33 0.24 6.17 9.94
N GLU A 34 -0.94 6.31 10.55
CA GLU A 34 -2.20 5.95 9.92
C GLU A 34 -2.66 6.95 8.87
N GLU A 35 -2.50 8.24 9.16
CA GLU A 35 -2.95 9.28 8.26
C GLU A 35 -2.33 9.17 6.87
N ILE A 36 -1.01 9.09 6.78
CA ILE A 36 -0.35 8.96 5.49
C ILE A 36 -0.51 7.56 4.90
N LYS A 37 -0.12 6.57 5.68
CA LYS A 37 -0.18 5.16 5.28
C LYS A 37 -1.60 4.69 4.98
N GLU A 38 -2.51 4.86 5.90
CA GLU A 38 -3.86 4.41 5.65
C GLU A 38 -4.48 5.24 4.52
N LEU A 39 -4.16 6.51 4.46
CA LEU A 39 -4.67 7.37 3.40
C LEU A 39 -4.06 6.96 2.07
N ILE A 40 -2.78 6.56 2.08
CA ILE A 40 -2.10 6.16 0.85
C ILE A 40 -2.47 4.76 0.38
N ALA A 41 -2.34 3.75 1.22
CA ALA A 41 -2.67 2.37 0.80
C ALA A 41 -4.13 2.20 0.44
N LYS A 42 -4.98 2.62 1.34
CA LYS A 42 -6.40 2.49 1.15
C LYS A 42 -6.79 3.11 -0.17
N HIS A 43 -6.35 4.35 -0.37
CA HIS A 43 -6.56 5.01 -1.65
C HIS A 43 -5.80 4.28 -2.73
N GLU A 44 -4.66 3.72 -2.32
CA GLU A 44 -3.80 2.99 -3.23
C GLU A 44 -4.47 1.78 -3.79
N GLY A 45 -5.67 1.52 -3.32
CA GLY A 45 -6.40 0.39 -3.81
C GLY A 45 -6.19 -0.78 -2.89
N VAL A 46 -5.82 -0.46 -1.64
CA VAL A 46 -5.49 -1.51 -0.68
C VAL A 46 -5.70 -1.14 0.79
N ASP A 47 -5.64 -2.14 1.67
CA ASP A 47 -5.81 -1.93 3.11
C ASP A 47 -4.55 -1.39 3.79
N LYS A 48 -4.64 -1.22 5.12
CA LYS A 48 -3.54 -0.72 5.94
C LYS A 48 -2.38 -1.71 6.04
N GLU A 49 -2.69 -2.99 5.94
CA GLU A 49 -1.66 -4.02 6.03
C GLU A 49 -0.78 -3.98 4.79
N LEU A 50 -1.42 -3.79 3.65
CA LEU A 50 -0.80 -3.75 2.36
C LEU A 50 -0.06 -2.45 2.08
N VAL A 51 0.14 -1.58 3.07
CA VAL A 51 0.82 -0.32 2.76
C VAL A 51 2.34 -0.38 2.87
N ILE A 52 2.98 -0.22 1.72
CA ILE A 52 4.44 -0.14 1.63
C ILE A 52 4.81 1.05 0.73
N VAL A 53 5.30 2.16 1.26
CA VAL A 53 5.64 3.28 0.39
C VAL A 53 7.00 3.88 0.75
N ASP A 54 7.96 3.74 -0.17
CA ASP A 54 9.31 4.25 0.02
C ASP A 54 9.69 5.33 -1.00
N ASN A 55 10.63 6.19 -0.62
CA ASN A 55 11.14 7.24 -1.50
C ASN A 55 10.09 8.30 -1.85
N ASN A 56 9.45 8.15 -3.02
CA ASN A 56 8.44 9.10 -3.49
C ASN A 56 9.09 10.18 -4.36
N LYS A 57 8.75 10.20 -5.66
CA LYS A 57 9.31 11.18 -6.58
C LYS A 57 8.64 12.53 -6.41
N GLN A 58 9.40 13.51 -5.95
CA GLN A 58 8.88 14.84 -5.71
C GLN A 58 8.95 15.73 -6.95
N LEU A 59 7.84 16.40 -7.25
CA LEU A 59 7.77 17.32 -8.37
C LEU A 59 7.45 18.69 -7.80
N THR A 60 8.40 19.59 -7.90
CA THR A 60 8.24 20.93 -7.34
C THR A 60 7.08 21.69 -7.94
N GLY A 61 6.76 22.80 -7.29
CA GLY A 61 5.67 23.62 -7.74
C GLY A 61 4.56 23.67 -6.71
N LYS A 62 4.58 22.72 -5.77
CA LYS A 62 3.58 22.64 -4.72
C LYS A 62 4.23 22.17 -3.41
N HIS A 63 3.42 21.90 -2.40
CA HIS A 63 3.94 21.45 -1.11
C HIS A 63 3.44 20.04 -0.79
N GLU A 64 3.29 19.21 -1.81
CA GLU A 64 2.82 17.86 -1.67
C GLU A 64 3.82 16.94 -2.33
N ILE A 65 3.85 15.68 -1.94
CA ILE A 65 4.85 14.77 -2.48
C ILE A 65 4.22 13.72 -3.37
N GLU A 66 4.92 13.44 -4.45
CA GLU A 66 4.49 12.50 -5.47
C GLU A 66 5.45 11.34 -5.57
N GLY A 67 5.03 10.28 -6.22
CA GLY A 67 5.88 9.14 -6.37
C GLY A 67 5.14 7.89 -6.76
N TYR A 68 5.75 6.75 -6.46
CA TYR A 68 5.13 5.48 -6.75
C TYR A 68 5.02 4.70 -5.46
N THR A 69 3.85 4.14 -5.25
CA THR A 69 3.61 3.37 -4.03
C THR A 69 3.50 1.87 -4.32
N LYS A 70 3.94 1.07 -3.37
CA LYS A 70 3.91 -0.39 -3.49
C LYS A 70 3.07 -0.96 -2.35
N ILE A 71 2.23 -1.97 -2.62
CA ILE A 71 1.38 -2.49 -1.54
C ILE A 71 1.36 -4.01 -1.45
N TYR A 72 1.26 -4.49 -0.19
CA TYR A 72 1.20 -5.94 0.07
C TYR A 72 -0.16 -6.38 0.66
N ALA A 73 -0.88 -7.12 -0.18
CA ALA A 73 -2.20 -7.66 0.16
C ALA A 73 -2.12 -9.05 0.80
N ASP A 74 -0.92 -9.61 0.86
CA ASP A 74 -0.69 -10.95 1.39
C ASP A 74 -0.82 -11.04 2.91
N LYS A 75 -1.09 -9.92 3.58
CA LYS A 75 -1.22 -9.92 5.03
C LYS A 75 -2.01 -11.13 5.57
N PRO A 76 -3.12 -11.55 4.91
CA PRO A 76 -3.90 -12.71 5.37
C PRO A 76 -2.99 -13.87 5.76
N SER A 77 -2.00 -14.14 4.91
CA SER A 77 -1.05 -15.21 5.17
C SER A 77 -0.03 -14.77 6.21
N ALA A 78 0.25 -13.47 6.25
CA ALA A 78 1.20 -12.91 7.20
C ALA A 78 0.66 -12.99 8.63
N MET A 79 -0.55 -12.47 8.84
CA MET A 79 -1.15 -12.49 10.17
C MET A 79 -1.53 -13.91 10.60
N LEU A 80 -2.16 -14.66 9.71
CA LEU A 80 -2.59 -16.03 10.01
C LEU A 80 -1.45 -17.04 9.92
N TYR A 81 -0.60 -16.90 8.91
CA TYR A 81 0.50 -17.85 8.71
C TYR A 81 1.84 -17.30 9.20
N GLU A 82 2.06 -16.00 9.02
CA GLU A 82 3.31 -15.36 9.43
C GLU A 82 4.47 -15.79 8.53
N PRO A 83 5.47 -14.91 8.37
CA PRO A 83 6.64 -15.19 7.53
C PRO A 83 7.55 -16.26 8.12
N ASP A 84 7.28 -16.66 9.35
CA ASP A 84 8.10 -17.68 10.02
C ASP A 84 7.77 -19.08 9.52
N TYR A 85 6.76 -19.18 8.64
CA TYR A 85 6.36 -20.47 8.09
C TYR A 85 6.26 -20.41 6.58
N GLU A 86 7.36 -20.68 5.90
CA GLU A 86 7.39 -20.65 4.43
C GLU A 86 7.71 -22.03 3.87
N LEU A 87 6.79 -22.57 3.09
CA LEU A 87 6.97 -23.88 2.49
C LEU A 87 7.79 -23.79 1.19
N ILE A 88 7.35 -22.92 0.29
CA ILE A 88 8.04 -22.74 -0.99
C ILE A 88 7.83 -21.33 -1.54
N ARG A 89 6.60 -20.83 -1.44
CA ARG A 89 6.25 -19.49 -1.94
C ARG A 89 6.81 -19.26 -3.33
N ASN A 90 6.68 -20.25 -4.20
CA ASN A 90 7.16 -20.14 -5.57
C ASN A 90 6.03 -20.40 -6.57
N GLY A 91 6.26 -20.04 -7.82
CA GLY A 91 5.26 -20.24 -8.86
C GLY A 91 5.73 -21.18 -9.96
N LEU A 92 6.84 -21.86 -9.72
CA LEU A 92 7.40 -22.79 -10.70
C LEU A 92 7.79 -22.06 -11.99
N LYS A 93 9.05 -22.22 -12.39
CA LYS A 93 9.55 -21.58 -13.60
C LYS A 93 10.51 -22.50 -14.35
N GLN A 94 10.09 -22.98 -15.51
CA GLN A 94 10.92 -23.87 -16.31
C GLN A 94 11.67 -23.08 -17.38
N LYS A 95 12.20 -21.92 -17.00
CA LYS A 95 12.95 -21.08 -17.93
C LYS A 95 12.09 -20.67 -19.11
N GLU A 96 10.77 -20.69 -18.91
CA GLU A 96 9.83 -20.31 -19.96
C GLU A 96 8.39 -20.48 -19.49
N ALA A 97 7.76 -19.37 -19.09
CA ALA A 97 6.39 -19.41 -18.62
C ALA A 97 5.84 -18.00 -18.41
N LYS A 98 6.51 -17.23 -17.57
CA LYS A 98 6.08 -15.86 -17.29
C LYS A 98 6.84 -14.87 -18.17
N MET A 1 -2.43 15.75 5.71
CA MET A 1 -1.92 15.20 4.46
C MET A 1 -3.10 14.76 3.57
N ASP A 2 -2.89 14.66 2.24
CA ASP A 2 -3.98 14.28 1.32
C ASP A 2 -3.50 13.24 0.34
N LEU A 3 -4.37 12.36 -0.11
CA LEU A 3 -3.90 11.34 -1.03
C LEU A 3 -4.50 11.41 -2.43
N ILE A 4 -3.67 11.71 -3.42
CA ILE A 4 -4.15 11.66 -4.81
C ILE A 4 -3.44 10.51 -5.49
N ILE A 5 -4.19 9.47 -5.77
CA ILE A 5 -3.63 8.26 -6.35
C ILE A 5 -4.04 7.86 -7.77
N LYS A 6 -3.06 7.30 -8.49
CA LYS A 6 -3.27 6.71 -9.81
C LYS A 6 -2.86 5.24 -9.68
N GLU A 7 -3.58 4.56 -8.78
CA GLU A 7 -3.32 3.17 -8.38
C GLU A 7 -3.57 2.07 -9.43
N LYS A 8 -2.62 1.11 -9.53
CA LYS A 8 -2.73 -0.02 -10.42
C LYS A 8 -2.28 -1.26 -9.64
N ARG A 9 -3.08 -2.31 -9.62
CA ARG A 9 -2.71 -3.49 -8.82
C ARG A 9 -2.77 -4.81 -9.60
N ASP A 10 -1.73 -5.61 -9.43
CA ASP A 10 -1.67 -6.93 -10.05
C ASP A 10 -1.39 -7.98 -8.97
N ASN A 11 -2.33 -8.87 -8.75
CA ASN A 11 -2.08 -9.86 -7.74
C ASN A 11 -2.08 -11.29 -8.30
N PRO A 12 -0.90 -11.93 -8.29
CA PRO A 12 -0.74 -13.29 -8.71
C PRO A 12 -0.61 -14.15 -7.46
N ILE A 13 0.49 -14.88 -7.32
CA ILE A 13 0.70 -15.68 -6.12
C ILE A 13 1.00 -14.78 -4.92
N LEU A 14 1.79 -13.72 -5.16
CA LEU A 14 2.21 -12.81 -4.09
C LEU A 14 1.37 -11.58 -3.97
N LYS A 15 0.37 -11.42 -4.81
CA LYS A 15 -0.52 -10.31 -4.59
C LYS A 15 0.19 -8.95 -4.57
N ARG A 16 0.95 -8.62 -5.62
CA ARG A 16 1.70 -7.36 -5.64
C ARG A 16 1.05 -6.29 -6.51
N LYS A 17 0.91 -5.08 -5.96
CA LYS A 17 0.30 -4.00 -6.74
C LYS A 17 1.25 -2.82 -6.88
N GLU A 18 1.07 -2.02 -7.96
CA GLU A 18 1.89 -0.84 -8.24
C GLU A 18 0.98 0.34 -8.52
N ILE A 19 0.97 1.28 -7.62
CA ILE A 19 0.11 2.43 -7.73
C ILE A 19 0.87 3.72 -7.50
N LYS A 20 0.43 4.79 -8.14
CA LYS A 20 1.09 6.09 -8.00
C LYS A 20 0.33 6.94 -6.98
N TYR A 21 1.04 7.62 -6.07
CA TYR A 21 0.37 8.41 -5.05
C TYR A 21 1.04 9.76 -4.72
N VAL A 22 0.22 10.74 -4.31
CA VAL A 22 0.71 12.04 -3.84
C VAL A 22 0.04 12.34 -2.51
N LEU A 23 0.80 12.82 -1.56
CA LEU A 23 0.29 13.16 -0.28
C LEU A 23 0.30 14.65 -0.19
N LYS A 24 -0.83 15.27 0.05
CA LYS A 24 -0.83 16.70 0.13
C LYS A 24 -0.85 17.11 1.57
N PHE A 25 0.20 17.77 1.95
CA PHE A 25 0.34 18.18 3.30
C PHE A 25 0.37 19.69 3.45
N ASP A 26 -0.41 20.17 4.41
CA ASP A 26 -0.50 21.60 4.69
C ASP A 26 0.19 21.98 5.98
N SER A 27 0.59 23.25 6.08
CA SER A 27 1.27 23.75 7.28
C SER A 27 2.44 22.85 7.66
N SER A 28 2.93 23.00 8.89
CA SER A 28 4.03 22.19 9.37
C SER A 28 3.79 20.72 9.05
N ARG A 29 4.49 20.23 8.02
CA ARG A 29 4.32 18.84 7.60
C ARG A 29 4.93 17.87 8.60
N THR A 30 4.06 17.11 9.24
CA THR A 30 4.46 16.12 10.21
C THR A 30 4.02 14.73 9.75
N PRO A 31 4.97 13.84 9.40
CA PRO A 31 4.63 12.49 8.94
C PRO A 31 3.84 11.72 9.98
N SER A 32 2.69 11.17 9.57
CA SER A 32 1.85 10.41 10.47
C SER A 32 1.84 8.94 10.07
N ARG A 33 1.63 8.03 11.02
CA ARG A 33 1.60 6.62 10.70
C ARG A 33 0.31 6.23 9.97
N GLU A 34 -0.81 6.62 10.55
CA GLU A 34 -2.13 6.33 9.99
C GLU A 34 -2.48 7.22 8.81
N GLU A 35 -2.31 8.52 8.98
CA GLU A 35 -2.69 9.48 7.94
C GLU A 35 -1.99 9.23 6.61
N ILE A 36 -0.67 9.14 6.59
CA ILE A 36 0.03 8.92 5.32
C ILE A 36 -0.13 7.48 4.83
N LYS A 37 0.26 6.53 5.67
CA LYS A 37 0.19 5.11 5.32
C LYS A 37 -1.22 4.62 5.08
N GLU A 38 -2.10 4.84 6.03
CA GLU A 38 -3.46 4.37 5.87
C GLU A 38 -4.17 5.13 4.76
N LEU A 39 -3.91 6.42 4.62
CA LEU A 39 -4.56 7.17 3.56
C LEU A 39 -3.92 6.83 2.21
N ILE A 40 -2.63 6.49 2.22
CA ILE A 40 -1.94 6.12 0.98
C ILE A 40 -2.29 4.72 0.50
N ALA A 41 -2.16 3.69 1.35
CA ALA A 41 -2.47 2.31 0.93
C ALA A 41 -3.93 2.10 0.65
N LYS A 42 -4.75 2.59 1.56
CA LYS A 42 -6.18 2.42 1.44
C LYS A 42 -6.62 2.94 0.10
N HIS A 43 -6.20 4.15 -0.21
CA HIS A 43 -6.47 4.74 -1.51
C HIS A 43 -5.71 3.96 -2.55
N GLU A 44 -4.46 3.67 -2.22
CA GLU A 44 -3.55 2.94 -3.10
C GLU A 44 -4.24 1.72 -3.70
N GLY A 45 -5.37 1.37 -3.14
CA GLY A 45 -6.10 0.24 -3.63
C GLY A 45 -5.92 -0.92 -2.69
N VAL A 46 -5.58 -0.59 -1.44
CA VAL A 46 -5.26 -1.60 -0.46
C VAL A 46 -5.49 -1.20 1.00
N ASP A 47 -5.40 -2.18 1.89
CA ASP A 47 -5.59 -1.95 3.33
C ASP A 47 -4.32 -1.41 3.99
N LYS A 48 -4.40 -1.26 5.31
CA LYS A 48 -3.29 -0.76 6.14
C LYS A 48 -2.13 -1.74 6.22
N GLU A 49 -2.39 -3.03 6.09
CA GLU A 49 -1.32 -4.02 6.17
C GLU A 49 -0.52 -4.05 4.88
N LEU A 50 -1.22 -3.92 3.76
CA LEU A 50 -0.64 -3.93 2.44
C LEU A 50 0.06 -2.62 2.10
N VAL A 51 0.44 -1.80 3.08
CA VAL A 51 1.10 -0.54 2.73
C VAL A 51 2.62 -0.60 2.80
N ILE A 52 3.25 -0.47 1.63
CA ILE A 52 4.69 -0.37 1.52
C ILE A 52 5.05 0.79 0.61
N VAL A 53 5.51 1.90 1.16
CA VAL A 53 5.85 3.04 0.30
C VAL A 53 7.29 3.49 0.51
N ASP A 54 8.11 3.31 -0.53
CA ASP A 54 9.51 3.70 -0.51
C ASP A 54 9.79 4.80 -1.51
N ASN A 55 10.57 5.79 -1.11
CA ASN A 55 10.92 6.90 -2.00
C ASN A 55 9.67 7.64 -2.45
N ASN A 56 9.78 8.95 -2.54
CA ASN A 56 8.65 9.78 -2.95
C ASN A 56 9.10 11.05 -3.66
N LYS A 57 8.79 11.15 -4.95
CA LYS A 57 9.15 12.35 -5.72
C LYS A 57 8.17 13.46 -5.38
N GLN A 58 8.57 14.71 -5.56
CA GLN A 58 7.70 15.83 -5.25
C GLN A 58 7.48 16.74 -6.44
N LEU A 59 6.29 16.68 -7.01
CA LEU A 59 5.92 17.49 -8.17
C LEU A 59 4.73 18.38 -7.85
N THR A 60 4.95 19.70 -7.80
CA THR A 60 3.88 20.65 -7.52
C THR A 60 4.44 22.00 -7.09
N GLY A 61 3.54 22.96 -6.88
CA GLY A 61 3.96 24.28 -6.45
C GLY A 61 3.56 24.56 -5.02
N LYS A 62 2.49 23.92 -4.58
CA LYS A 62 2.00 24.09 -3.21
C LYS A 62 2.98 23.48 -2.21
N HIS A 63 2.88 22.17 -2.00
CA HIS A 63 3.77 21.47 -1.07
C HIS A 63 3.29 20.04 -0.81
N GLU A 64 3.01 19.29 -1.88
CA GLU A 64 2.56 17.94 -1.75
C GLU A 64 3.53 17.05 -2.51
N ILE A 65 3.65 15.81 -2.10
CA ILE A 65 4.63 14.93 -2.72
C ILE A 65 3.97 13.78 -3.47
N GLU A 66 4.33 13.65 -4.75
CA GLU A 66 3.80 12.61 -5.60
C GLU A 66 4.90 11.70 -6.08
N GLY A 67 4.70 10.41 -5.89
CA GLY A 67 5.68 9.46 -6.33
C GLY A 67 5.07 8.13 -6.67
N TYR A 68 5.71 7.06 -6.24
CA TYR A 68 5.18 5.75 -6.51
C TYR A 68 5.00 4.99 -5.21
N THR A 69 3.85 4.37 -5.11
CA THR A 69 3.48 3.60 -3.93
C THR A 69 3.43 2.11 -4.28
N LYS A 70 3.81 1.27 -3.33
CA LYS A 70 3.80 -0.18 -3.54
C LYS A 70 3.03 -0.83 -2.41
N ILE A 71 2.30 -1.91 -2.70
CA ILE A 71 1.53 -2.53 -1.63
C ILE A 71 1.59 -4.04 -1.59
N TYR A 72 1.56 -4.57 -0.35
CA TYR A 72 1.54 -6.02 -0.14
C TYR A 72 0.16 -6.49 0.34
N ALA A 73 -0.48 -7.24 -0.55
CA ALA A 73 -1.82 -7.80 -0.37
C ALA A 73 -1.78 -9.18 0.30
N ASP A 74 -0.58 -9.70 0.55
CA ASP A 74 -0.42 -11.02 1.14
C ASP A 74 -0.80 -11.01 2.63
N LYS A 75 -1.18 -9.83 3.15
CA LYS A 75 -1.57 -9.69 4.55
C LYS A 75 -2.45 -10.87 5.00
N PRO A 76 -3.56 -11.14 4.30
CA PRO A 76 -4.46 -12.25 4.64
C PRO A 76 -3.68 -13.51 4.99
N SER A 77 -2.52 -13.67 4.35
CA SER A 77 -1.67 -14.82 4.60
C SER A 77 -0.93 -14.65 5.93
N ALA A 78 -0.43 -13.44 6.16
CA ALA A 78 0.30 -13.14 7.39
C ALA A 78 -0.62 -13.23 8.60
N MET A 79 -1.75 -12.52 8.52
CA MET A 79 -2.72 -12.53 9.61
C MET A 79 -3.27 -13.94 9.81
N LEU A 80 -3.34 -14.70 8.73
CA LEU A 80 -3.84 -16.07 8.77
C LEU A 80 -2.81 -16.98 9.43
N TYR A 81 -1.53 -16.74 9.13
CA TYR A 81 -0.45 -17.53 9.69
C TYR A 81 -0.02 -17.00 11.05
N GLU A 82 -0.73 -16.00 11.55
CA GLU A 82 -0.42 -15.39 12.86
C GLU A 82 -0.15 -16.47 13.92
N PRO A 83 0.35 -16.05 15.10
CA PRO A 83 0.67 -16.98 16.19
C PRO A 83 -0.49 -17.90 16.56
N ASP A 84 -1.70 -17.57 16.12
CA ASP A 84 -2.87 -18.39 16.43
C ASP A 84 -2.92 -19.64 15.55
N TYR A 85 -2.10 -19.65 14.49
CA TYR A 85 -2.03 -20.79 13.57
C TYR A 85 -3.40 -21.39 13.31
N GLU A 86 -4.07 -20.94 12.26
CA GLU A 86 -5.39 -21.44 11.91
C GLU A 86 -5.66 -21.28 10.42
N LEU A 87 -5.10 -22.19 9.61
CA LEU A 87 -5.28 -22.14 8.17
C LEU A 87 -6.59 -22.83 7.77
N ILE A 88 -6.87 -23.97 8.41
CA ILE A 88 -8.08 -24.74 8.12
C ILE A 88 -8.31 -24.90 6.62
N ARG A 89 -7.23 -24.81 5.84
CA ARG A 89 -7.34 -24.93 4.40
C ARG A 89 -6.83 -26.29 3.93
N ASN A 90 -6.78 -26.48 2.61
CA ASN A 90 -6.31 -27.73 2.04
C ASN A 90 -5.59 -27.48 0.71
N GLY A 91 -4.96 -26.32 0.60
CA GLY A 91 -4.23 -25.98 -0.61
C GLY A 91 -5.15 -25.43 -1.69
N LEU A 92 -4.58 -25.17 -2.86
CA LEU A 92 -5.35 -24.65 -3.99
C LEU A 92 -4.79 -25.14 -5.32
N LYS A 93 -5.66 -25.27 -6.31
CA LYS A 93 -5.25 -25.73 -7.63
C LYS A 93 -4.71 -27.16 -7.56
N GLN A 94 -5.49 -28.11 -8.06
CA GLN A 94 -5.09 -29.52 -8.06
C GLN A 94 -4.54 -29.92 -9.42
N LYS A 95 -3.76 -29.04 -10.03
CA LYS A 95 -3.17 -29.33 -11.34
C LYS A 95 -4.25 -29.54 -12.39
N GLU A 96 -5.05 -28.49 -12.63
CA GLU A 96 -6.14 -28.54 -13.62
C GLU A 96 -6.75 -29.94 -13.73
N ALA A 97 -7.79 -30.19 -12.94
CA ALA A 97 -8.45 -31.49 -12.95
C ALA A 97 -7.50 -32.61 -12.58
N LYS A 98 -8.04 -33.75 -12.18
CA LYS A 98 -7.24 -34.90 -11.81
C LYS A 98 -7.64 -36.14 -12.62
N MET A 1 -3.01 15.13 5.91
CA MET A 1 -2.37 14.60 4.70
C MET A 1 -3.45 14.25 3.67
N ASP A 2 -3.14 14.28 2.35
CA ASP A 2 -4.15 13.95 1.35
C ASP A 2 -3.56 13.03 0.31
N LEU A 3 -4.34 12.12 -0.24
CA LEU A 3 -3.77 11.21 -1.22
C LEU A 3 -4.36 11.32 -2.62
N ILE A 4 -3.49 11.57 -3.60
CA ILE A 4 -3.93 11.56 -4.98
C ILE A 4 -3.42 10.28 -5.58
N ILE A 5 -4.33 9.39 -5.87
CA ILE A 5 -3.95 8.08 -6.36
C ILE A 5 -4.27 7.74 -7.82
N LYS A 6 -3.33 7.03 -8.43
CA LYS A 6 -3.51 6.49 -9.77
C LYS A 6 -3.07 5.03 -9.69
N GLU A 7 -3.81 4.32 -8.83
CA GLU A 7 -3.57 2.92 -8.46
C GLU A 7 -3.74 1.89 -9.57
N LYS A 8 -2.73 1.00 -9.68
CA LYS A 8 -2.76 -0.08 -10.64
C LYS A 8 -2.38 -1.34 -9.88
N ARG A 9 -3.30 -2.29 -9.72
CA ARG A 9 -3.01 -3.48 -8.93
C ARG A 9 -2.97 -4.76 -9.75
N ASP A 10 -1.93 -5.56 -9.50
CA ASP A 10 -1.76 -6.84 -10.16
C ASP A 10 -1.58 -7.94 -9.10
N ASN A 11 -2.51 -8.87 -9.03
CA ASN A 11 -2.37 -9.90 -8.03
C ASN A 11 -2.21 -11.27 -8.66
N PRO A 12 -1.02 -11.86 -8.49
CA PRO A 12 -0.70 -13.19 -8.95
C PRO A 12 -0.68 -14.12 -7.74
N ILE A 13 0.44 -14.77 -7.49
CA ILE A 13 0.54 -15.63 -6.31
C ILE A 13 0.63 -14.78 -5.03
N LEU A 14 1.31 -13.62 -5.13
CA LEU A 14 1.53 -12.77 -3.97
C LEU A 14 0.66 -11.50 -3.93
N LYS A 15 -0.35 -11.39 -4.79
CA LYS A 15 -1.27 -10.27 -4.72
C LYS A 15 -0.57 -8.89 -4.59
N ARG A 16 0.36 -8.54 -5.50
CA ARG A 16 1.07 -7.26 -5.39
C ARG A 16 0.50 -6.23 -6.32
N LYS A 17 0.68 -4.98 -5.95
CA LYS A 17 0.14 -3.90 -6.75
C LYS A 17 1.16 -2.77 -6.95
N GLU A 18 0.93 -1.97 -8.01
CA GLU A 18 1.77 -0.82 -8.34
C GLU A 18 0.86 0.37 -8.60
N ILE A 19 0.87 1.33 -7.69
CA ILE A 19 0.00 2.48 -7.80
C ILE A 19 0.76 3.77 -7.59
N LYS A 20 0.30 4.81 -8.24
CA LYS A 20 0.95 6.11 -8.11
C LYS A 20 0.20 6.95 -7.06
N TYR A 21 0.94 7.63 -6.19
CA TYR A 21 0.28 8.41 -5.14
C TYR A 21 0.92 9.77 -4.83
N VAL A 22 0.08 10.73 -4.45
CA VAL A 22 0.53 12.07 -4.00
C VAL A 22 -0.03 12.31 -2.61
N LEU A 23 0.76 12.82 -1.70
CA LEU A 23 0.29 13.09 -0.38
C LEU A 23 0.31 14.59 -0.18
N LYS A 24 -0.81 15.16 0.18
CA LYS A 24 -0.85 16.57 0.38
C LYS A 24 -0.78 16.82 1.86
N PHE A 25 0.21 17.56 2.26
CA PHE A 25 0.41 17.81 3.65
C PHE A 25 0.25 19.28 3.98
N ASP A 26 -0.50 19.53 5.03
CA ASP A 26 -0.77 20.88 5.48
C ASP A 26 0.41 21.47 6.25
N SER A 27 0.68 22.75 6.05
CA SER A 27 1.78 23.43 6.71
C SER A 27 1.63 23.35 8.23
N SER A 28 2.76 23.28 8.93
CA SER A 28 2.75 23.20 10.38
C SER A 28 1.98 21.98 10.87
N ARG A 29 2.25 20.83 10.26
CA ARG A 29 1.58 19.58 10.63
C ARG A 29 2.59 18.53 11.06
N THR A 30 2.12 17.58 11.85
CA THR A 30 2.96 16.49 12.34
C THR A 30 2.74 15.23 11.50
N PRO A 31 3.82 14.65 10.93
CA PRO A 31 3.71 13.44 10.12
C PRO A 31 3.16 12.27 10.93
N SER A 32 2.12 11.61 10.41
CA SER A 32 1.52 10.49 11.11
C SER A 32 1.80 9.18 10.38
N ARG A 33 1.85 8.08 11.13
CA ARG A 33 2.08 6.77 10.53
C ARG A 33 0.84 6.27 9.78
N GLU A 34 -0.30 6.34 10.46
CA GLU A 34 -1.58 5.90 9.90
C GLU A 34 -2.13 6.88 8.88
N GLU A 35 -2.04 8.17 9.18
CA GLU A 35 -2.60 9.18 8.29
C GLU A 35 -2.03 9.09 6.87
N ILE A 36 -0.71 9.08 6.74
CA ILE A 36 -0.12 8.98 5.41
C ILE A 36 -0.22 7.55 4.87
N LYS A 37 0.28 6.61 5.65
CA LYS A 37 0.27 5.19 5.28
C LYS A 37 -1.12 4.65 5.00
N GLU A 38 -2.04 4.82 5.92
CA GLU A 38 -3.37 4.30 5.69
C GLU A 38 -4.09 5.08 4.59
N LEU A 39 -3.84 6.38 4.48
CA LEU A 39 -4.46 7.13 3.41
C LEU A 39 -3.82 6.78 2.09
N ILE A 40 -2.53 6.43 2.11
CA ILE A 40 -1.83 6.05 0.89
C ILE A 40 -2.16 4.63 0.43
N ALA A 41 -1.99 3.62 1.28
CA ALA A 41 -2.29 2.23 0.87
C ALA A 41 -3.75 2.04 0.52
N LYS A 42 -4.59 2.49 1.42
CA LYS A 42 -6.00 2.35 1.28
C LYS A 42 -6.43 2.93 -0.05
N HIS A 43 -6.01 4.16 -0.31
CA HIS A 43 -6.27 4.78 -1.60
C HIS A 43 -5.58 3.95 -2.67
N GLU A 44 -4.35 3.57 -2.37
CA GLU A 44 -3.55 2.76 -3.26
C GLU A 44 -4.31 1.55 -3.76
N GLY A 45 -5.43 1.27 -3.10
CA GLY A 45 -6.24 0.16 -3.51
C GLY A 45 -5.99 -1.00 -2.58
N VAL A 46 -5.57 -0.67 -1.35
CA VAL A 46 -5.22 -1.70 -0.39
C VAL A 46 -5.35 -1.28 1.07
N ASP A 47 -5.27 -2.26 1.98
CA ASP A 47 -5.38 -2.01 3.41
C ASP A 47 -4.07 -1.46 4.02
N LYS A 48 -4.10 -1.26 5.34
CA LYS A 48 -2.97 -0.73 6.11
C LYS A 48 -1.80 -1.73 6.18
N GLU A 49 -2.09 -3.01 6.09
CA GLU A 49 -1.03 -4.02 6.16
C GLU A 49 -0.23 -4.04 4.85
N LEU A 50 -0.95 -3.92 3.75
CA LEU A 50 -0.42 -3.93 2.41
C LEU A 50 0.27 -2.63 2.01
N VAL A 51 0.69 -1.79 2.95
CA VAL A 51 1.31 -0.53 2.54
C VAL A 51 2.83 -0.56 2.53
N ILE A 52 3.40 -0.40 1.33
CA ILE A 52 4.84 -0.28 1.14
C ILE A 52 5.13 0.90 0.22
N VAL A 53 5.62 2.02 0.72
CA VAL A 53 5.91 3.13 -0.19
C VAL A 53 7.28 3.77 0.09
N ASP A 54 8.18 3.59 -0.88
CA ASP A 54 9.53 4.13 -0.81
C ASP A 54 9.77 5.16 -1.90
N ASN A 55 10.71 6.07 -1.64
CA ASN A 55 11.05 7.11 -2.61
C ASN A 55 9.81 7.91 -3.01
N ASN A 56 10.02 9.19 -3.28
CA ASN A 56 8.92 10.06 -3.67
C ASN A 56 9.35 11.13 -4.66
N LYS A 57 8.72 11.14 -5.83
CA LYS A 57 9.00 12.12 -6.86
C LYS A 57 8.09 13.33 -6.66
N GLN A 58 8.65 14.49 -6.33
CA GLN A 58 7.84 15.68 -6.09
C GLN A 58 7.80 16.59 -7.31
N LEU A 59 6.66 16.61 -8.00
CA LEU A 59 6.48 17.45 -9.17
C LEU A 59 5.32 18.42 -8.98
N THR A 60 5.61 19.72 -8.88
CA THR A 60 4.58 20.74 -8.70
C THR A 60 5.16 22.00 -8.08
N GLY A 61 5.80 21.85 -6.93
CA GLY A 61 6.37 22.98 -6.24
C GLY A 61 5.44 23.54 -5.18
N LYS A 62 4.17 23.15 -5.24
CA LYS A 62 3.18 23.61 -4.28
C LYS A 62 3.59 23.24 -2.86
N HIS A 63 3.23 22.03 -2.41
CA HIS A 63 3.58 21.58 -1.07
C HIS A 63 3.14 20.15 -0.79
N GLU A 64 2.95 19.35 -1.86
CA GLU A 64 2.53 17.98 -1.71
C GLU A 64 3.52 17.11 -2.47
N ILE A 65 3.63 15.85 -2.07
CA ILE A 65 4.63 14.98 -2.67
C ILE A 65 4.01 13.83 -3.45
N GLU A 66 4.64 13.53 -4.59
CA GLU A 66 4.19 12.47 -5.48
C GLU A 66 5.26 11.40 -5.57
N GLY A 67 4.88 10.24 -6.05
CA GLY A 67 5.83 9.16 -6.17
C GLY A 67 5.16 7.87 -6.59
N TYR A 68 5.77 6.76 -6.24
CA TYR A 68 5.19 5.48 -6.57
C TYR A 68 5.00 4.68 -5.30
N THR A 69 3.82 4.10 -5.19
CA THR A 69 3.46 3.32 -4.02
C THR A 69 3.41 1.82 -4.33
N LYS A 70 3.93 1.00 -3.42
CA LYS A 70 3.95 -0.46 -3.58
C LYS A 70 3.12 -1.10 -2.48
N ILE A 71 2.37 -2.16 -2.79
CA ILE A 71 1.54 -2.78 -1.75
C ILE A 71 1.60 -4.29 -1.68
N TYR A 72 1.50 -4.78 -0.44
CA TYR A 72 1.49 -6.23 -0.17
C TYR A 72 0.23 -6.67 0.59
N ALA A 73 -0.56 -7.50 -0.08
CA ALA A 73 -1.80 -8.02 0.47
C ALA A 73 -1.59 -9.33 1.24
N ASP A 74 -0.41 -9.93 1.08
CA ASP A 74 -0.12 -11.20 1.75
C ASP A 74 0.18 -11.01 3.24
N LYS A 75 0.33 -9.75 3.65
CA LYS A 75 0.62 -9.45 5.05
C LYS A 75 -0.53 -9.84 5.96
N PRO A 76 -1.76 -9.34 5.69
CA PRO A 76 -2.93 -9.65 6.51
C PRO A 76 -3.23 -11.14 6.54
N SER A 77 -3.20 -11.77 5.37
CA SER A 77 -3.46 -13.19 5.28
C SER A 77 -2.35 -13.97 5.98
N ALA A 78 -1.14 -13.41 5.96
CA ALA A 78 0.01 -14.04 6.59
C ALA A 78 -0.10 -13.96 8.11
N MET A 79 -0.53 -12.81 8.63
CA MET A 79 -0.66 -12.61 10.06
C MET A 79 -1.72 -13.54 10.64
N LEU A 80 -2.86 -13.65 9.95
CA LEU A 80 -3.94 -14.50 10.41
C LEU A 80 -3.68 -15.97 10.12
N TYR A 81 -3.12 -16.25 8.95
CA TYR A 81 -2.83 -17.62 8.55
C TYR A 81 -1.57 -18.15 9.25
N GLU A 82 -0.62 -17.27 9.52
CA GLU A 82 0.62 -17.66 10.18
C GLU A 82 0.81 -16.89 11.49
N PRO A 83 -0.09 -17.08 12.46
CA PRO A 83 -0.01 -16.41 13.76
C PRO A 83 1.05 -17.02 14.66
N ASP A 84 1.36 -18.29 14.45
CA ASP A 84 2.35 -18.99 15.26
C ASP A 84 3.71 -19.05 14.54
N TYR A 85 3.85 -18.28 13.46
CA TYR A 85 5.10 -18.26 12.71
C TYR A 85 5.46 -19.65 12.20
N GLU A 86 6.39 -19.71 11.27
CA GLU A 86 6.83 -20.98 10.69
C GLU A 86 8.19 -21.39 11.27
N LEU A 87 8.24 -22.60 11.82
CA LEU A 87 9.48 -23.11 12.41
C LEU A 87 10.38 -23.74 11.34
N ILE A 88 9.78 -24.26 10.29
CA ILE A 88 10.53 -24.88 9.20
C ILE A 88 9.61 -25.34 8.07
N ARG A 89 8.42 -25.81 8.43
CA ARG A 89 7.42 -26.28 7.46
C ARG A 89 8.08 -26.90 6.23
N ASN A 90 8.30 -28.21 6.26
CA ASN A 90 8.92 -28.91 5.15
C ASN A 90 7.87 -29.67 4.33
N GLY A 91 6.66 -29.13 4.31
CA GLY A 91 5.58 -29.76 3.56
C GLY A 91 4.48 -28.79 3.18
N LEU A 92 4.85 -27.55 2.92
CA LEU A 92 3.88 -26.52 2.56
C LEU A 92 4.11 -26.05 1.13
N LYS A 93 5.37 -25.97 0.72
CA LYS A 93 5.72 -25.54 -0.63
C LYS A 93 6.69 -26.51 -1.28
N GLN A 94 6.14 -27.50 -1.99
CA GLN A 94 6.95 -28.51 -2.66
C GLN A 94 6.86 -28.34 -4.17
N LYS A 95 7.40 -27.24 -4.68
CA LYS A 95 7.38 -26.96 -6.11
C LYS A 95 5.96 -26.90 -6.64
N GLU A 96 5.03 -26.50 -5.77
CA GLU A 96 3.62 -26.40 -6.15
C GLU A 96 2.79 -25.88 -4.99
N ALA A 97 2.28 -24.66 -5.14
CA ALA A 97 1.46 -24.05 -4.10
C ALA A 97 0.61 -22.91 -4.66
N LYS A 98 -0.69 -22.96 -4.39
CA LYS A 98 -1.60 -21.93 -4.87
C LYS A 98 -3.02 -22.18 -4.36
N MET A 1 -2.93 15.82 5.56
CA MET A 1 -2.30 15.16 4.42
C MET A 1 -3.38 14.77 3.38
N ASP A 2 -3.04 14.67 2.08
CA ASP A 2 -4.05 14.31 1.08
C ASP A 2 -3.51 13.27 0.13
N LEU A 3 -4.35 12.40 -0.38
CA LEU A 3 -3.83 11.39 -1.29
C LEU A 3 -4.38 11.47 -2.69
N ILE A 4 -3.50 11.75 -3.65
CA ILE A 4 -3.92 11.75 -5.06
C ILE A 4 -3.39 10.46 -5.65
N ILE A 5 -4.30 9.57 -5.97
CA ILE A 5 -3.93 8.26 -6.48
C ILE A 5 -4.24 7.91 -7.94
N LYS A 6 -3.31 7.17 -8.53
CA LYS A 6 -3.47 6.61 -9.88
C LYS A 6 -3.11 5.12 -9.75
N GLU A 7 -3.80 4.49 -8.80
CA GLU A 7 -3.61 3.08 -8.40
C GLU A 7 -3.80 2.04 -9.49
N LYS A 8 -2.86 1.07 -9.54
CA LYS A 8 -2.92 -0.03 -10.49
C LYS A 8 -2.55 -1.29 -9.73
N ARG A 9 -3.35 -2.35 -9.82
CA ARG A 9 -3.04 -3.56 -9.03
C ARG A 9 -3.03 -4.84 -9.85
N ASP A 10 -2.01 -5.65 -9.60
CA ASP A 10 -1.87 -6.96 -10.23
C ASP A 10 -1.71 -8.03 -9.16
N ASN A 11 -2.67 -8.93 -9.06
CA ASN A 11 -2.56 -9.93 -8.04
C ASN A 11 -2.36 -11.32 -8.63
N PRO A 12 -1.17 -11.90 -8.39
CA PRO A 12 -0.83 -13.23 -8.83
C PRO A 12 -0.90 -14.15 -7.60
N ILE A 13 0.20 -14.81 -7.26
CA ILE A 13 0.22 -15.65 -6.08
C ILE A 13 0.21 -14.79 -4.81
N LEU A 14 0.93 -13.66 -4.86
CA LEU A 14 1.06 -12.79 -3.69
C LEU A 14 0.24 -11.50 -3.74
N LYS A 15 -0.72 -11.40 -4.66
CA LYS A 15 -1.61 -10.24 -4.69
C LYS A 15 -0.85 -8.89 -4.59
N ARG A 16 0.11 -8.64 -5.48
CA ARG A 16 0.89 -7.39 -5.41
C ARG A 16 0.31 -6.30 -6.30
N LYS A 17 0.44 -5.05 -5.91
CA LYS A 17 -0.09 -3.96 -6.74
C LYS A 17 0.92 -2.83 -6.89
N GLU A 18 0.73 -2.01 -7.96
CA GLU A 18 1.58 -0.86 -8.28
C GLU A 18 0.69 0.33 -8.54
N ILE A 19 0.73 1.29 -7.66
CA ILE A 19 -0.11 2.46 -7.76
C ILE A 19 0.68 3.74 -7.58
N LYS A 20 0.23 4.78 -8.25
CA LYS A 20 0.90 6.06 -8.13
C LYS A 20 0.18 6.89 -7.08
N TYR A 21 0.93 7.54 -6.20
CA TYR A 21 0.31 8.31 -5.14
C TYR A 21 0.99 9.65 -4.85
N VAL A 22 0.19 10.58 -4.35
CA VAL A 22 0.66 11.91 -3.91
C VAL A 22 0.02 12.23 -2.57
N LEU A 23 0.82 12.66 -1.61
CA LEU A 23 0.31 13.03 -0.34
C LEU A 23 0.43 14.53 -0.25
N LYS A 24 -0.67 15.21 -0.04
CA LYS A 24 -0.61 16.65 0.02
C LYS A 24 -0.63 17.05 1.47
N PHE A 25 0.42 17.72 1.86
CA PHE A 25 0.55 18.11 3.23
C PHE A 25 0.46 19.62 3.37
N ASP A 26 -0.35 20.05 4.33
CA ASP A 26 -0.55 21.48 4.55
C ASP A 26 -0.50 21.86 6.04
N SER A 27 -0.52 23.16 6.31
CA SER A 27 -0.48 23.67 7.68
C SER A 27 0.64 23.01 8.47
N SER A 28 0.57 23.10 9.79
CA SER A 28 1.57 22.48 10.65
C SER A 28 1.53 20.97 10.48
N ARG A 29 2.01 20.51 9.33
CA ARG A 29 1.99 19.10 9.01
C ARG A 29 3.01 18.31 9.82
N THR A 30 2.51 17.32 10.53
CA THR A 30 3.34 16.46 11.35
C THR A 30 3.22 15.03 10.86
N PRO A 31 4.26 14.49 10.19
CA PRO A 31 4.24 13.13 9.65
C PRO A 31 3.57 12.15 10.60
N SER A 32 2.59 11.41 10.09
CA SER A 32 1.87 10.44 10.88
C SER A 32 2.02 9.05 10.30
N ARG A 33 1.94 8.02 11.13
CA ARG A 33 2.05 6.65 10.64
C ARG A 33 0.78 6.23 9.90
N GLU A 34 -0.36 6.45 10.55
CA GLU A 34 -1.67 6.12 10.00
C GLU A 34 -2.13 7.09 8.93
N GLU A 35 -1.99 8.38 9.19
CA GLU A 35 -2.46 9.40 8.27
C GLU A 35 -1.87 9.28 6.87
N ILE A 36 -0.54 9.22 6.75
CA ILE A 36 0.07 9.10 5.42
C ILE A 36 -0.07 7.68 4.88
N LYS A 37 0.40 6.73 5.66
CA LYS A 37 0.36 5.30 5.28
C LYS A 37 -1.02 4.80 4.94
N GLU A 38 -1.97 4.99 5.82
CA GLU A 38 -3.30 4.52 5.53
C GLU A 38 -3.89 5.34 4.39
N LEU A 39 -3.80 6.66 4.48
CA LEU A 39 -4.32 7.50 3.43
C LEU A 39 -3.71 7.10 2.08
N ILE A 40 -2.43 6.72 2.09
CA ILE A 40 -1.74 6.31 0.87
C ILE A 40 -2.13 4.90 0.43
N ALA A 41 -2.01 3.90 1.30
CA ALA A 41 -2.37 2.52 0.94
C ALA A 41 -3.84 2.38 0.61
N LYS A 42 -4.65 2.88 1.51
CA LYS A 42 -6.07 2.78 1.38
C LYS A 42 -6.51 3.36 0.05
N HIS A 43 -6.05 4.58 -0.24
CA HIS A 43 -6.31 5.18 -1.53
C HIS A 43 -5.65 4.34 -2.60
N GLU A 44 -4.42 3.94 -2.32
CA GLU A 44 -3.63 3.12 -3.21
C GLU A 44 -4.41 1.91 -3.67
N GLY A 45 -5.54 1.66 -3.02
CA GLY A 45 -6.36 0.55 -3.40
C GLY A 45 -6.12 -0.60 -2.45
N VAL A 46 -5.68 -0.26 -1.25
CA VAL A 46 -5.33 -1.29 -0.29
C VAL A 46 -5.45 -0.87 1.18
N ASP A 47 -5.36 -1.86 2.08
CA ASP A 47 -5.44 -1.61 3.52
C ASP A 47 -4.12 -1.09 4.10
N LYS A 48 -4.10 -0.91 5.42
CA LYS A 48 -2.93 -0.42 6.16
C LYS A 48 -1.79 -1.43 6.18
N GLU A 49 -2.13 -2.71 6.08
CA GLU A 49 -1.10 -3.76 6.11
C GLU A 49 -0.33 -3.79 4.79
N LEU A 50 -1.09 -3.65 3.71
CA LEU A 50 -0.58 -3.68 2.35
C LEU A 50 0.14 -2.40 1.95
N VAL A 51 0.59 -1.57 2.89
CA VAL A 51 1.26 -0.33 2.47
C VAL A 51 2.79 -0.40 2.48
N ILE A 52 3.37 -0.27 1.29
CA ILE A 52 4.82 -0.19 1.12
C ILE A 52 5.15 0.96 0.18
N VAL A 53 5.64 2.09 0.68
CA VAL A 53 5.98 3.19 -0.22
C VAL A 53 7.34 3.82 0.12
N ASP A 54 8.29 3.66 -0.80
CA ASP A 54 9.64 4.19 -0.62
C ASP A 54 9.98 5.28 -1.64
N ASN A 55 10.93 6.14 -1.27
CA ASN A 55 11.40 7.21 -2.14
C ASN A 55 10.34 8.30 -2.36
N ASN A 56 9.54 8.16 -3.44
CA ASN A 56 8.50 9.15 -3.77
C ASN A 56 9.11 10.34 -4.52
N LYS A 57 8.81 10.45 -5.81
CA LYS A 57 9.32 11.57 -6.61
C LYS A 57 8.48 12.81 -6.31
N GLN A 58 9.12 13.80 -5.70
CA GLN A 58 8.42 15.02 -5.33
C GLN A 58 8.39 16.06 -6.43
N LEU A 59 7.20 16.60 -6.66
CA LEU A 59 7.00 17.64 -7.65
C LEU A 59 6.61 18.92 -6.93
N THR A 60 7.48 19.90 -6.97
CA THR A 60 7.24 21.15 -6.28
C THR A 60 6.16 22.00 -6.94
N GLY A 61 5.69 22.98 -6.19
CA GLY A 61 4.66 23.87 -6.69
C GLY A 61 3.37 23.74 -5.91
N LYS A 62 3.22 22.64 -5.18
CA LYS A 62 2.02 22.40 -4.38
C LYS A 62 2.34 21.98 -2.95
N HIS A 63 3.63 21.75 -2.66
CA HIS A 63 4.06 21.35 -1.32
C HIS A 63 3.52 19.96 -0.98
N GLU A 64 3.39 19.11 -1.99
CA GLU A 64 2.90 17.78 -1.83
C GLU A 64 3.90 16.82 -2.46
N ILE A 65 3.91 15.57 -2.03
CA ILE A 65 4.90 14.64 -2.55
C ILE A 65 4.24 13.58 -3.41
N GLU A 66 4.89 13.31 -4.52
CA GLU A 66 4.41 12.36 -5.51
C GLU A 66 5.38 11.20 -5.64
N GLY A 67 4.91 10.13 -6.24
CA GLY A 67 5.76 8.98 -6.42
C GLY A 67 4.97 7.75 -6.77
N TYR A 68 5.59 6.60 -6.59
CA TYR A 68 4.92 5.35 -6.87
C TYR A 68 4.96 4.50 -5.63
N THR A 69 3.83 3.92 -5.29
CA THR A 69 3.72 3.10 -4.11
C THR A 69 3.56 1.63 -4.42
N LYS A 70 4.11 0.82 -3.52
CA LYS A 70 4.06 -0.62 -3.60
C LYS A 70 3.15 -1.13 -2.48
N ILE A 71 2.31 -2.11 -2.76
CA ILE A 71 1.41 -2.61 -1.70
C ILE A 71 1.34 -4.12 -1.62
N TYR A 72 1.24 -4.63 -0.38
CA TYR A 72 1.13 -6.07 -0.16
C TYR A 72 -0.20 -6.46 0.50
N ALA A 73 -0.97 -7.23 -0.28
CA ALA A 73 -2.29 -7.73 0.10
C ALA A 73 -2.23 -9.07 0.82
N ASP A 74 -1.03 -9.65 0.91
CA ASP A 74 -0.86 -10.97 1.51
C ASP A 74 -1.00 -10.94 3.04
N LYS A 75 -1.23 -9.77 3.63
CA LYS A 75 -1.38 -9.65 5.08
C LYS A 75 -2.23 -10.79 5.65
N PRO A 76 -3.42 -11.03 5.10
CA PRO A 76 -4.31 -12.09 5.57
C PRO A 76 -3.57 -13.39 5.84
N SER A 77 -2.69 -13.75 4.93
CA SER A 77 -1.90 -14.97 5.06
C SER A 77 -0.78 -14.77 6.08
N ALA A 78 -0.26 -13.55 6.14
CA ALA A 78 0.82 -13.24 7.08
C ALA A 78 0.33 -13.18 8.52
N MET A 79 -0.71 -12.39 8.77
CA MET A 79 -1.26 -12.25 10.10
C MET A 79 -2.02 -13.50 10.56
N LEU A 80 -2.88 -14.03 9.70
CA LEU A 80 -3.69 -15.20 10.03
C LEU A 80 -2.85 -16.48 10.12
N TYR A 81 -1.89 -16.64 9.21
CA TYR A 81 -1.06 -17.85 9.21
C TYR A 81 0.22 -17.65 10.00
N GLU A 82 0.71 -16.42 10.05
CA GLU A 82 1.93 -16.11 10.79
C GLU A 82 3.11 -16.95 10.27
N PRO A 83 3.36 -16.89 8.95
CA PRO A 83 4.45 -17.64 8.32
C PRO A 83 5.80 -16.93 8.44
N ASP A 84 5.77 -15.65 8.85
CA ASP A 84 6.98 -14.87 9.00
C ASP A 84 7.71 -15.21 10.30
N TYR A 85 7.11 -16.07 11.11
CA TYR A 85 7.72 -16.47 12.38
C TYR A 85 7.65 -17.99 12.57
N GLU A 86 8.76 -18.57 13.02
CA GLU A 86 8.82 -20.01 13.25
C GLU A 86 9.03 -20.31 14.72
N LEU A 87 8.03 -20.93 15.35
CA LEU A 87 8.11 -21.28 16.76
C LEU A 87 9.17 -22.34 17.00
N ILE A 88 9.08 -23.45 16.27
CA ILE A 88 10.04 -24.54 16.42
C ILE A 88 10.49 -25.06 15.05
N ARG A 89 9.56 -25.16 14.11
CA ARG A 89 9.86 -25.65 12.77
C ARG A 89 11.11 -24.98 12.20
N ASN A 90 11.99 -25.80 11.62
CA ASN A 90 13.23 -25.28 11.03
C ASN A 90 13.44 -25.86 9.64
N GLY A 91 13.26 -27.17 9.51
CA GLY A 91 13.44 -27.81 8.22
C GLY A 91 13.54 -29.32 8.34
N LEU A 92 12.40 -29.99 8.42
CA LEU A 92 12.37 -31.45 8.54
C LEU A 92 10.96 -31.98 8.27
N LYS A 93 10.31 -31.44 7.25
CA LYS A 93 8.96 -31.86 6.88
C LYS A 93 8.60 -31.39 5.48
N GLN A 94 8.70 -32.30 4.52
CA GLN A 94 8.38 -31.99 3.13
C GLN A 94 6.96 -32.42 2.78
N LYS A 95 6.11 -32.51 3.79
CA LYS A 95 4.72 -32.91 3.58
C LYS A 95 4.64 -34.27 2.90
N GLU A 96 5.62 -35.13 3.17
CA GLU A 96 5.66 -36.46 2.57
C GLU A 96 6.86 -37.25 3.10
N ALA A 97 8.02 -36.62 3.10
CA ALA A 97 9.25 -37.26 3.58
C ALA A 97 9.60 -38.47 2.70
N LYS A 98 10.89 -38.60 2.41
CA LYS A 98 11.37 -39.71 1.58
C LYS A 98 11.77 -40.91 2.44
N MET A 1 -2.68 15.97 5.63
CA MET A 1 -2.15 15.38 4.39
C MET A 1 -3.31 14.90 3.50
N ASP A 2 -3.08 14.77 2.18
CA ASP A 2 -4.16 14.33 1.29
C ASP A 2 -3.63 13.31 0.33
N LEU A 3 -4.38 12.31 -0.01
CA LEU A 3 -3.84 11.32 -0.92
C LEU A 3 -4.58 11.23 -2.24
N ILE A 4 -3.90 11.63 -3.31
CA ILE A 4 -4.50 11.45 -4.64
C ILE A 4 -3.76 10.30 -5.29
N ILE A 5 -4.50 9.23 -5.48
CA ILE A 5 -3.94 8.00 -5.96
C ILE A 5 -4.27 7.59 -7.41
N LYS A 6 -3.26 7.01 -8.09
CA LYS A 6 -3.38 6.47 -9.46
C LYS A 6 -2.81 5.04 -9.43
N GLU A 7 -3.62 4.13 -8.91
CA GLU A 7 -3.25 2.73 -8.68
C GLU A 7 -3.15 1.82 -9.91
N LYS A 8 -2.14 0.94 -9.86
CA LYS A 8 -1.86 -0.05 -10.88
C LYS A 8 -1.69 -1.38 -10.16
N ARG A 9 -2.19 -2.50 -10.67
CA ARG A 9 -2.10 -3.74 -9.91
C ARG A 9 -1.43 -4.93 -10.58
N ASP A 10 -0.76 -5.71 -9.73
CA ASP A 10 -0.10 -6.96 -10.09
C ASP A 10 -1.04 -8.05 -9.58
N ASN A 11 -1.38 -8.97 -10.45
CA ASN A 11 -2.39 -9.96 -10.10
C ASN A 11 -1.98 -11.04 -9.11
N PRO A 12 -3.03 -11.70 -8.56
CA PRO A 12 -2.98 -12.76 -7.54
C PRO A 12 -1.81 -13.75 -7.53
N ILE A 13 -0.87 -13.75 -8.49
CA ILE A 13 0.20 -14.74 -8.36
C ILE A 13 0.81 -14.54 -6.97
N LEU A 14 1.09 -13.27 -6.68
CA LEU A 14 1.50 -12.85 -5.36
C LEU A 14 0.42 -11.95 -4.79
N LYS A 15 -0.60 -11.62 -5.64
CA LYS A 15 -1.70 -10.75 -5.23
C LYS A 15 -1.18 -9.41 -4.75
N ARG A 16 -0.39 -8.72 -5.58
CA ARG A 16 0.20 -7.44 -5.17
C ARG A 16 0.05 -6.37 -6.20
N LYS A 17 0.15 -5.12 -5.77
CA LYS A 17 -0.08 -4.03 -6.71
C LYS A 17 0.92 -2.86 -6.58
N GLU A 18 0.97 -2.02 -7.64
CA GLU A 18 1.82 -0.82 -7.68
C GLU A 18 0.96 0.38 -8.08
N ILE A 19 0.91 1.37 -7.21
CA ILE A 19 0.07 2.55 -7.41
C ILE A 19 0.82 3.86 -7.25
N LYS A 20 0.35 4.88 -7.94
CA LYS A 20 0.97 6.20 -7.89
C LYS A 20 0.25 7.05 -6.89
N TYR A 21 1.00 7.78 -6.10
CA TYR A 21 0.36 8.56 -5.04
C TYR A 21 0.95 9.96 -4.81
N VAL A 22 0.06 10.87 -4.34
CA VAL A 22 0.47 12.23 -3.95
C VAL A 22 -0.20 12.54 -2.64
N LEU A 23 0.57 13.05 -1.70
CA LEU A 23 0.05 13.42 -0.43
C LEU A 23 0.05 14.91 -0.35
N LYS A 24 -1.09 15.54 -0.15
CA LYS A 24 -1.08 16.97 -0.06
C LYS A 24 -1.15 17.36 1.39
N PHE A 25 -0.10 17.99 1.84
CA PHE A 25 0.00 18.39 3.21
C PHE A 25 -0.04 19.90 3.37
N ASP A 26 -0.84 20.33 4.34
CA ASP A 26 -1.00 21.75 4.64
C ASP A 26 -0.62 22.05 6.09
N SER A 27 0.65 21.83 6.41
CA SER A 27 1.15 22.09 7.77
C SER A 27 2.64 21.78 7.85
N SER A 28 3.27 22.18 8.95
CA SER A 28 4.69 21.93 9.15
C SER A 28 4.91 20.87 10.21
N ARG A 29 4.04 19.86 10.24
CA ARG A 29 4.14 18.78 11.20
C ARG A 29 4.52 17.47 10.51
N THR A 30 5.13 16.56 11.26
CA THR A 30 5.54 15.27 10.72
C THR A 30 4.33 14.48 10.24
N PRO A 31 4.46 13.79 9.08
CA PRO A 31 3.37 13.00 8.52
C PRO A 31 2.80 12.00 9.52
N SER A 32 1.48 11.90 9.57
CA SER A 32 0.82 10.98 10.48
C SER A 32 1.03 9.54 10.02
N ARG A 33 1.00 8.58 10.95
CA ARG A 33 1.19 7.17 10.58
C ARG A 33 -0.03 6.60 9.87
N GLU A 34 -1.20 6.80 10.48
CA GLU A 34 -2.46 6.30 9.95
C GLU A 34 -2.97 7.14 8.78
N GLU A 35 -2.92 8.46 8.93
CA GLU A 35 -3.44 9.34 7.90
C GLU A 35 -2.79 9.12 6.54
N ILE A 36 -1.47 9.16 6.45
CA ILE A 36 -0.80 8.94 5.17
C ILE A 36 -0.85 7.48 4.76
N LYS A 37 -0.34 6.64 5.63
CA LYS A 37 -0.29 5.18 5.38
C LYS A 37 -1.65 4.58 5.09
N GLU A 38 -2.60 4.80 5.95
CA GLU A 38 -3.90 4.22 5.71
C GLU A 38 -4.56 4.87 4.50
N LEU A 39 -4.67 6.19 4.47
CA LEU A 39 -5.27 6.84 3.32
C LEU A 39 -4.52 6.50 2.02
N ILE A 40 -3.21 6.24 2.11
CA ILE A 40 -2.45 5.89 0.92
C ILE A 40 -2.70 4.45 0.48
N ALA A 41 -2.53 3.46 1.36
CA ALA A 41 -2.78 2.06 0.96
C ALA A 41 -4.22 1.83 0.58
N LYS A 42 -5.08 2.33 1.42
CA LYS A 42 -6.50 2.17 1.22
C LYS A 42 -6.84 2.69 -0.17
N HIS A 43 -6.39 3.89 -0.48
CA HIS A 43 -6.55 4.44 -1.82
C HIS A 43 -5.82 3.58 -2.80
N GLU A 44 -4.61 3.22 -2.40
CA GLU A 44 -3.72 2.39 -3.20
C GLU A 44 -4.45 1.19 -3.73
N GLY A 45 -5.61 0.92 -3.17
CA GLY A 45 -6.38 -0.19 -3.61
C GLY A 45 -6.21 -1.32 -2.63
N VAL A 46 -5.87 -0.96 -1.40
CA VAL A 46 -5.55 -1.97 -0.38
C VAL A 46 -5.76 -1.52 1.07
N ASP A 47 -5.69 -2.49 1.99
CA ASP A 47 -5.85 -2.23 3.43
C ASP A 47 -4.58 -1.64 4.07
N LYS A 48 -4.65 -1.42 5.39
CA LYS A 48 -3.55 -0.86 6.18
C LYS A 48 -2.38 -1.85 6.31
N GLU A 49 -2.70 -3.13 6.32
CA GLU A 49 -1.67 -4.16 6.43
C GLU A 49 -0.78 -4.15 5.20
N LEU A 50 -1.44 -4.00 4.06
CA LEU A 50 -0.85 -3.99 2.76
C LEU A 50 -0.16 -2.66 2.42
N VAL A 51 0.18 -1.81 3.39
CA VAL A 51 0.82 -0.56 3.00
C VAL A 51 2.34 -0.58 3.12
N ILE A 52 2.98 -0.47 1.97
CA ILE A 52 4.43 -0.35 1.86
C ILE A 52 4.73 0.79 0.89
N VAL A 53 5.16 1.95 1.37
CA VAL A 53 5.41 3.05 0.43
C VAL A 53 6.79 3.67 0.57
N ASP A 54 7.59 3.51 -0.48
CA ASP A 54 8.94 4.07 -0.55
C ASP A 54 9.05 5.08 -1.67
N ASN A 55 10.01 5.99 -1.54
CA ASN A 55 10.25 7.01 -2.56
C ASN A 55 9.16 8.08 -2.58
N ASN A 56 9.58 9.30 -2.86
CA ASN A 56 8.68 10.45 -2.93
C ASN A 56 9.09 11.41 -4.04
N LYS A 57 8.70 11.12 -5.29
CA LYS A 57 9.03 12.03 -6.39
C LYS A 57 8.08 13.21 -6.31
N GLN A 58 8.62 14.38 -5.99
CA GLN A 58 7.78 15.55 -5.83
C GLN A 58 8.00 16.57 -6.92
N LEU A 59 6.90 17.05 -7.47
CA LEU A 59 6.91 18.08 -8.50
C LEU A 59 6.67 19.40 -7.82
N THR A 60 7.68 20.24 -7.81
CA THR A 60 7.61 21.51 -7.13
C THR A 60 6.56 22.43 -7.69
N GLY A 61 6.44 23.58 -7.04
CA GLY A 61 5.47 24.55 -7.43
C GLY A 61 4.34 24.62 -6.41
N LYS A 62 4.22 23.57 -5.61
CA LYS A 62 3.19 23.49 -4.57
C LYS A 62 3.83 23.07 -3.24
N HIS A 63 3.24 22.09 -2.55
CA HIS A 63 3.77 21.63 -1.27
C HIS A 63 3.29 20.22 -0.95
N GLU A 64 3.10 19.41 -1.99
CA GLU A 64 2.63 18.06 -1.86
C GLU A 64 3.58 17.14 -2.62
N ILE A 65 3.64 15.87 -2.24
CA ILE A 65 4.58 14.97 -2.88
C ILE A 65 3.92 13.89 -3.71
N GLU A 66 4.64 13.49 -4.74
CA GLU A 66 4.22 12.45 -5.65
C GLU A 66 5.21 11.32 -5.50
N GLY A 67 4.85 10.13 -5.96
CA GLY A 67 5.77 9.04 -5.83
C GLY A 67 5.20 7.74 -6.30
N TYR A 68 5.81 6.68 -5.86
CA TYR A 68 5.35 5.36 -6.20
C TYR A 68 5.06 4.64 -4.91
N THR A 69 3.93 4.00 -4.88
CA THR A 69 3.49 3.32 -3.70
C THR A 69 3.29 1.84 -4.00
N LYS A 70 3.68 1.02 -3.05
CA LYS A 70 3.56 -0.41 -3.20
C LYS A 70 2.77 -0.98 -2.07
N ILE A 71 2.00 -2.00 -2.36
CA ILE A 71 1.17 -2.58 -1.33
C ILE A 71 1.23 -4.08 -1.34
N TYR A 72 1.19 -4.63 -0.12
CA TYR A 72 1.22 -6.08 0.09
C TYR A 72 0.00 -6.63 0.87
N ALA A 73 -0.75 -7.50 0.18
CA ALA A 73 -1.91 -8.16 0.76
C ALA A 73 -1.52 -9.48 1.41
N ASP A 74 -0.26 -9.87 1.22
CA ASP A 74 0.23 -11.13 1.76
C ASP A 74 0.46 -11.01 3.28
N LYS A 75 0.41 -9.78 3.79
CA LYS A 75 0.60 -9.54 5.22
C LYS A 75 -0.54 -10.13 6.07
N PRO A 76 -1.80 -9.76 5.77
CA PRO A 76 -2.95 -10.26 6.54
C PRO A 76 -2.95 -11.77 6.65
N SER A 77 -2.46 -12.44 5.61
CA SER A 77 -2.40 -13.88 5.61
C SER A 77 -1.25 -14.38 6.48
N ALA A 78 -0.12 -13.71 6.37
CA ALA A 78 1.07 -14.07 7.14
C ALA A 78 0.91 -13.68 8.62
N MET A 79 0.30 -12.53 8.87
CA MET A 79 0.11 -12.06 10.24
C MET A 79 -0.93 -12.89 10.99
N LEU A 80 -2.07 -13.14 10.34
CA LEU A 80 -3.15 -13.91 10.97
C LEU A 80 -2.87 -15.41 10.97
N TYR A 81 -2.33 -15.92 9.86
CA TYR A 81 -2.05 -17.35 9.76
C TYR A 81 -0.58 -17.67 9.99
N GLU A 82 0.22 -16.66 10.33
CA GLU A 82 1.65 -16.87 10.57
C GLU A 82 2.36 -17.25 9.27
N PRO A 83 3.71 -17.30 9.27
CA PRO A 83 4.50 -17.64 8.09
C PRO A 83 3.98 -18.89 7.37
N ASP A 84 3.26 -19.74 8.11
CA ASP A 84 2.71 -20.96 7.53
C ASP A 84 1.34 -20.70 6.89
N TYR A 85 0.99 -19.42 6.70
CA TYR A 85 -0.29 -19.04 6.11
C TYR A 85 -0.62 -19.89 4.89
N GLU A 86 -1.91 -19.95 4.56
CA GLU A 86 -2.38 -20.71 3.41
C GLU A 86 -3.89 -20.59 3.26
N LEU A 87 -4.34 -19.47 2.71
CA LEU A 87 -5.75 -19.21 2.52
C LEU A 87 -6.33 -20.08 1.40
N ILE A 88 -5.49 -20.37 0.40
CA ILE A 88 -5.90 -21.20 -0.73
C ILE A 88 -7.27 -20.80 -1.25
N ARG A 89 -7.64 -19.54 -1.06
CA ARG A 89 -8.94 -19.05 -1.50
C ARG A 89 -9.00 -18.99 -3.03
N ASN A 90 -10.15 -18.52 -3.55
CA ASN A 90 -10.33 -18.40 -4.98
C ASN A 90 -11.18 -17.18 -5.32
N GLY A 91 -11.49 -17.01 -6.61
CA GLY A 91 -12.29 -15.88 -7.04
C GLY A 91 -13.57 -16.31 -7.74
N LEU A 92 -14.64 -15.54 -7.53
CA LEU A 92 -15.92 -15.85 -8.15
C LEU A 92 -16.40 -14.69 -9.01
N LYS A 93 -15.46 -13.96 -9.59
CA LYS A 93 -15.78 -12.82 -10.44
C LYS A 93 -14.86 -12.77 -11.66
N GLN A 94 -14.54 -13.94 -12.20
CA GLN A 94 -13.66 -14.03 -13.36
C GLN A 94 -14.47 -14.23 -14.64
N LYS A 95 -15.26 -13.21 -14.99
CA LYS A 95 -16.09 -13.27 -16.20
C LYS A 95 -17.17 -14.34 -16.09
N GLU A 96 -17.39 -14.84 -14.88
CA GLU A 96 -18.40 -15.87 -14.65
C GLU A 96 -19.68 -15.26 -14.09
N ALA A 97 -19.57 -14.70 -12.89
CA ALA A 97 -20.71 -14.08 -12.23
C ALA A 97 -21.13 -12.79 -12.95
N LYS A 98 -21.67 -12.94 -14.16
CA LYS A 98 -22.10 -11.79 -14.95
C LYS A 98 -23.62 -11.78 -15.10
#